data_5XGY
#
_entry.id   5XGY
#
_cell.length_a   89.788
_cell.length_b   101.796
_cell.length_c   164.144
_cell.angle_alpha   90.00
_cell.angle_beta   90.00
_cell.angle_gamma   90.00
#
_symmetry.space_group_name_H-M   'I 2 2 2'
#
loop_
_entity.id
_entity.type
_entity.pdbx_description
1 polymer 'Peptidoglycan recognition protein 1'
2 non-polymer GLYCEROL
3 non-polymer 'L(+)-TARTARIC ACID'
4 water water
#
_entity_poly.entity_id   1
_entity_poly.type   'polypeptide(L)'
_entity_poly.pdbx_seq_one_letter_code
;EDPPACGSIVPRREWRALASECRERLTRPVRYVVVSHTAGSHCDTPASCAQQAQNVQSYHVRNLGWCDVGYNFLIGEDGL
VYEGRGWNIKGAHAGPTWNPISIGISFMGNYMNRVPPPRALRAAQNLLACGVALGALRSNYEVKGHRDVQPTLSPGDRLY
EIIQTWSHYRA
;
_entity_poly.pdbx_strand_id   A,B,C,D
#
loop_
_chem_comp.id
_chem_comp.type
_chem_comp.name
_chem_comp.formula
GOL non-polymer GLYCEROL 'C3 H8 O3'
TLA non-polymer 'L(+)-TARTARIC ACID' 'C4 H6 O6'
#
# COMPACT_ATOMS: atom_id res chain seq x y z
N GLU A 1 -28.78 12.90 -3.85
CA GLU A 1 -27.50 12.49 -3.21
C GLU A 1 -27.61 11.07 -2.64
N ASP A 2 -27.00 10.08 -3.32
CA ASP A 2 -26.71 8.74 -2.77
C ASP A 2 -25.18 8.49 -2.88
N PRO A 3 -24.40 8.97 -1.88
CA PRO A 3 -22.95 8.80 -1.85
C PRO A 3 -22.49 7.36 -1.52
N PRO A 4 -21.77 6.67 -2.44
CA PRO A 4 -20.97 5.49 -2.05
C PRO A 4 -19.60 5.90 -1.40
N ALA A 5 -19.74 6.50 -0.22
CA ALA A 5 -18.67 7.08 0.60
C ALA A 5 -18.24 5.99 1.59
N CYS A 6 -16.94 5.65 1.58
CA CYS A 6 -16.38 4.63 2.46
C CYS A 6 -16.36 5.11 3.92
N GLY A 7 -16.57 4.20 4.86
CA GLY A 7 -16.28 4.45 6.24
C GLY A 7 -17.19 5.35 7.09
N SER A 8 -16.90 5.25 8.38
CA SER A 8 -17.72 5.78 9.48
C SER A 8 -17.03 6.96 10.12
N ILE A 9 -17.29 8.11 9.53
CA ILE A 9 -16.76 9.39 10.03
C ILE A 9 -17.89 10.13 10.78
N VAL A 10 -17.56 10.71 11.93
CA VAL A 10 -18.50 11.59 12.64
C VAL A 10 -18.52 12.91 11.87
N PRO A 11 -19.69 13.33 11.35
CA PRO A 11 -19.69 14.57 10.55
C PRO A 11 -19.61 15.87 11.37
N ARG A 12 -19.23 16.95 10.72
CA ARG A 12 -19.03 18.25 11.39
C ARG A 12 -20.19 18.60 12.31
N ARG A 13 -21.41 18.55 11.74
CA ARG A 13 -22.64 18.83 12.47
C ARG A 13 -22.75 18.03 13.76
N GLU A 14 -22.48 16.72 13.68
CA GLU A 14 -22.62 15.85 14.84
C GLU A 14 -21.70 16.25 16.01
N TRP A 15 -20.46 16.69 15.74
CA TRP A 15 -19.59 17.21 16.84
C TRP A 15 -19.78 18.71 17.13
N ARG A 16 -20.74 19.34 16.44
CA ARG A 16 -21.27 20.67 16.75
C ARG A 16 -20.23 21.73 16.40
N ALA A 17 -19.64 21.57 15.22
CA ALA A 17 -18.54 22.39 14.80
C ALA A 17 -19.05 23.71 14.28
N LEU A 18 -18.23 24.75 14.39
CA LEU A 18 -18.50 26.03 13.78
C LEU A 18 -18.34 25.86 12.28
N ALA A 19 -19.06 26.68 11.50
CA ALA A 19 -19.00 26.58 10.03
C ALA A 19 -17.62 27.01 9.53
N SER A 20 -17.09 26.25 8.57
CA SER A 20 -15.79 26.54 7.97
C SER A 20 -15.89 27.75 7.07
N GLU A 21 -14.86 28.58 7.09
CA GLU A 21 -14.72 29.65 6.11
C GLU A 21 -13.68 29.33 5.01
N CYS A 22 -13.07 28.14 5.06
CA CYS A 22 -11.95 27.80 4.17
C CYS A 22 -12.47 27.51 2.77
N ARG A 23 -11.73 27.95 1.75
CA ARG A 23 -12.13 27.77 0.37
C ARG A 23 -11.11 27.04 -0.53
N GLU A 24 -9.82 27.13 -0.19
CA GLU A 24 -8.77 26.56 -1.04
C GLU A 24 -8.76 25.04 -1.04
N ARG A 25 -8.61 24.47 -2.24
CA ARG A 25 -8.77 23.06 -2.47
C ARG A 25 -7.44 22.37 -2.71
N LEU A 26 -7.39 21.07 -2.39
CA LEU A 26 -6.25 20.23 -2.74
C LEU A 26 -6.52 19.66 -4.13
N THR A 27 -5.43 19.36 -4.85
CA THR A 27 -5.50 18.64 -6.11
C THR A 27 -5.48 17.15 -5.79
N ARG A 28 -6.58 16.48 -6.07
CA ARG A 28 -6.67 15.02 -5.91
C ARG A 28 -6.09 14.39 -7.19
N PRO A 29 -5.47 13.20 -7.11
CA PRO A 29 -5.23 12.46 -5.88
C PRO A 29 -4.00 12.98 -5.12
N VAL A 30 -4.11 13.04 -3.80
CA VAL A 30 -3.05 13.53 -2.89
C VAL A 30 -2.01 12.45 -2.62
N ARG A 31 -0.74 12.84 -2.51
CA ARG A 31 0.40 11.90 -2.37
C ARG A 31 0.83 11.69 -0.92
N TYR A 32 0.61 12.69 -0.05
CA TYR A 32 1.18 12.65 1.31
C TYR A 32 0.14 12.73 2.44
N VAL A 33 0.40 11.99 3.51
CA VAL A 33 -0.39 12.09 4.73
C VAL A 33 0.57 12.39 5.88
N VAL A 34 0.31 13.47 6.61
CA VAL A 34 1.13 13.84 7.76
C VAL A 34 0.37 13.53 9.06
N VAL A 35 0.99 12.74 9.94
CA VAL A 35 0.37 12.32 11.20
C VAL A 35 0.90 13.19 12.33
N SER A 36 -0.01 13.80 13.08
CA SER A 36 0.34 14.66 14.22
C SER A 36 -0.43 14.23 15.46
N HIS A 37 -0.12 14.86 16.59
CA HIS A 37 -1.00 14.80 17.73
C HIS A 37 -1.36 16.22 18.16
N THR A 38 -2.47 16.35 18.86
CA THR A 38 -2.97 17.66 19.29
C THR A 38 -2.15 18.20 20.47
N ALA A 39 -1.58 17.28 21.23
CA ALA A 39 -0.79 17.57 22.46
C ALA A 39 -1.67 18.08 23.59
N GLY A 40 -2.99 17.96 23.43
CA GLY A 40 -3.94 18.38 24.44
C GLY A 40 -4.45 17.18 25.19
N SER A 41 -5.61 17.36 25.83
CA SER A 41 -6.29 16.29 26.55
C SER A 41 -6.68 15.14 25.66
N HIS A 42 -6.62 13.92 26.17
CA HIS A 42 -7.25 12.76 25.47
C HIS A 42 -8.67 12.50 26.02
N CYS A 43 -9.46 11.85 25.19
CA CYS A 43 -10.85 11.48 25.49
C CYS A 43 -11.04 10.02 25.08
N ASP A 44 -11.96 9.31 25.72
CA ASP A 44 -12.24 7.92 25.30
C ASP A 44 -13.72 7.54 25.22
N THR A 45 -14.59 8.55 25.03
CA THR A 45 -16.02 8.33 24.80
C THR A 45 -16.47 9.25 23.69
N PRO A 46 -17.53 8.87 22.97
CA PRO A 46 -18.00 9.76 21.90
C PRO A 46 -18.41 11.13 22.39
N ALA A 47 -18.93 11.20 23.62
CA ALA A 47 -19.39 12.44 24.21
C ALA A 47 -18.22 13.37 24.56
N SER A 48 -17.18 12.81 25.17
CA SER A 48 -15.98 13.59 25.51
C SER A 48 -15.15 13.94 24.28
N CYS A 49 -15.08 13.02 23.29
CA CYS A 49 -14.32 13.24 22.04
C CYS A 49 -14.96 14.26 21.11
N ALA A 50 -16.28 14.30 21.08
CA ALA A 50 -16.99 15.38 20.37
C ALA A 50 -16.66 16.74 20.99
N GLN A 51 -16.63 16.80 22.33
CA GLN A 51 -16.23 18.01 23.04
C GLN A 51 -14.77 18.37 22.71
N GLN A 52 -13.90 17.38 22.67
CA GLN A 52 -12.50 17.64 22.38
C GLN A 52 -12.30 18.23 20.99
N ALA A 53 -13.02 17.73 20.00
CA ALA A 53 -12.95 18.28 18.66
C ALA A 53 -13.38 19.76 18.63
N GLN A 54 -14.42 20.09 19.39
CA GLN A 54 -14.88 21.48 19.54
C GLN A 54 -13.77 22.36 20.07
N ASN A 55 -13.13 21.89 21.16
CA ASN A 55 -12.05 22.62 21.84
C ASN A 55 -10.87 22.88 20.92
N VAL A 56 -10.48 21.87 20.16
CA VAL A 56 -9.38 22.00 19.21
C VAL A 56 -9.74 23.01 18.13
N GLN A 57 -10.94 22.91 17.56
CA GLN A 57 -11.39 23.89 16.59
C GLN A 57 -11.45 25.30 17.21
N SER A 58 -12.01 25.40 18.41
CA SER A 58 -12.13 26.68 19.12
C SER A 58 -10.76 27.39 19.22
N TYR A 59 -9.75 26.62 19.62
CA TYR A 59 -8.39 27.14 19.72
C TYR A 59 -7.89 27.68 18.35
N HIS A 60 -8.03 26.90 17.30
CA HIS A 60 -7.55 27.30 15.96
C HIS A 60 -8.30 28.46 15.34
N VAL A 61 -9.59 28.57 15.64
CA VAL A 61 -10.44 29.60 15.02
C VAL A 61 -10.40 30.89 15.83
N ARG A 62 -10.69 30.79 17.12
CA ARG A 62 -10.78 31.96 17.99
C ARG A 62 -9.45 32.58 18.34
N ASN A 63 -8.47 31.77 18.67
CA ASN A 63 -7.15 32.30 19.05
C ASN A 63 -6.25 32.51 17.85
N LEU A 64 -5.99 31.43 17.10
CA LEU A 64 -5.06 31.51 15.94
C LEU A 64 -5.65 32.18 14.70
N GLY A 65 -6.94 32.46 14.71
CA GLY A 65 -7.58 33.16 13.60
C GLY A 65 -7.72 32.39 12.31
N TRP A 66 -7.72 31.06 12.37
CA TRP A 66 -7.85 30.24 11.16
C TRP A 66 -9.29 30.04 10.72
N CYS A 67 -9.46 29.67 9.46
CA CYS A 67 -10.79 29.56 8.83
C CYS A 67 -11.60 28.36 9.32
N ASP A 68 -10.91 27.38 9.89
CA ASP A 68 -11.48 26.16 10.45
C ASP A 68 -10.35 25.45 11.20
N VAL A 69 -10.71 24.45 11.99
CA VAL A 69 -9.74 23.51 12.54
C VAL A 69 -8.75 23.11 11.45
N GLY A 70 -7.49 22.98 11.83
CA GLY A 70 -6.40 22.93 10.87
C GLY A 70 -6.24 21.58 10.21
N TYR A 71 -6.62 20.53 10.94
CA TYR A 71 -6.49 19.15 10.48
C TYR A 71 -7.63 18.76 9.54
N ASN A 72 -7.33 17.89 8.57
CA ASN A 72 -8.35 17.35 7.67
C ASN A 72 -9.28 16.38 8.40
N PHE A 73 -8.71 15.59 9.30
CA PHE A 73 -9.46 14.65 10.17
C PHE A 73 -8.79 14.54 11.55
N LEU A 74 -9.58 14.28 12.60
CA LEU A 74 -9.05 14.00 13.94
C LEU A 74 -9.45 12.59 14.39
N ILE A 75 -8.60 11.96 15.21
CA ILE A 75 -8.83 10.57 15.65
C ILE A 75 -8.94 10.54 17.16
N GLY A 76 -10.01 9.91 17.65
CA GLY A 76 -10.24 9.81 19.10
C GLY A 76 -9.83 8.46 19.66
N GLU A 77 -9.55 8.41 20.96
CA GLU A 77 -9.36 7.13 21.65
C GLU A 77 -10.68 6.40 21.89
N ASP A 78 -11.80 7.08 21.64
CA ASP A 78 -13.09 6.42 21.48
C ASP A 78 -13.21 5.49 20.27
N GLY A 79 -12.24 5.56 19.34
CA GLY A 79 -12.23 4.70 18.14
C GLY A 79 -12.93 5.25 16.90
N LEU A 80 -13.26 6.54 16.96
CA LEU A 80 -13.99 7.24 15.89
C LEU A 80 -13.15 8.31 15.24
N VAL A 81 -13.46 8.59 13.98
CA VAL A 81 -12.83 9.64 13.20
C VAL A 81 -13.76 10.85 13.19
N TYR A 82 -13.20 12.03 13.44
CA TYR A 82 -13.96 13.29 13.44
C TYR A 82 -13.58 14.08 12.21
N GLU A 83 -14.58 14.51 11.47
CA GLU A 83 -14.39 15.25 10.22
C GLU A 83 -13.85 16.65 10.50
N GLY A 84 -12.67 16.93 9.97
CA GLY A 84 -12.10 18.26 10.01
C GLY A 84 -12.44 18.97 8.72
N ARG A 85 -11.41 19.39 7.98
CA ARG A 85 -11.59 20.03 6.67
C ARG A 85 -11.90 19.03 5.55
N GLY A 86 -11.67 17.74 5.83
CA GLY A 86 -12.06 16.68 4.91
C GLY A 86 -11.04 16.44 3.82
N TRP A 87 -11.47 15.74 2.78
CA TRP A 87 -10.57 15.28 1.72
C TRP A 87 -10.23 16.34 0.71
N ASN A 88 -11.06 17.37 0.56
CA ASN A 88 -10.89 18.28 -0.58
C ASN A 88 -10.31 19.66 -0.27
N ILE A 89 -10.29 20.06 1.02
CA ILE A 89 -9.87 21.40 1.42
C ILE A 89 -8.47 21.40 2.05
N LYS A 90 -7.65 22.37 1.67
CA LYS A 90 -6.29 22.46 2.19
C LYS A 90 -6.27 22.72 3.68
N GLY A 91 -5.42 22.01 4.38
CA GLY A 91 -5.29 22.15 5.83
C GLY A 91 -4.25 23.16 6.29
N ALA A 92 -4.20 23.34 7.59
CA ALA A 92 -3.20 24.15 8.29
C ALA A 92 -2.59 23.34 9.40
N HIS A 93 -1.64 22.48 9.07
CA HIS A 93 -1.10 21.51 10.06
C HIS A 93 0.40 21.18 9.98
N ALA A 94 1.02 21.34 8.82
CA ALA A 94 2.44 21.01 8.62
C ALA A 94 3.23 22.07 7.85
N GLY A 95 2.77 23.32 7.87
CA GLY A 95 3.48 24.43 7.24
C GLY A 95 3.23 24.55 5.75
N PRO A 96 3.72 25.65 5.14
CA PRO A 96 3.31 26.03 3.77
C PRO A 96 3.91 25.20 2.60
N THR A 97 4.98 24.45 2.86
CA THR A 97 5.49 23.49 1.89
C THR A 97 4.60 22.23 1.77
N TRP A 98 4.12 21.72 2.92
CA TRP A 98 3.37 20.45 2.99
C TRP A 98 1.84 20.57 3.00
N ASN A 99 1.33 21.61 3.65
CA ASN A 99 -0.12 21.86 3.69
C ASN A 99 -0.84 21.71 2.34
N PRO A 100 -0.27 22.27 1.23
CA PRO A 100 -0.93 22.14 -0.11
C PRO A 100 -0.83 20.80 -0.82
N ILE A 101 -0.03 19.87 -0.31
CA ILE A 101 0.19 18.59 -0.99
C ILE A 101 -0.09 17.39 -0.07
N SER A 102 -0.82 17.62 1.03
CA SER A 102 -0.99 16.57 2.02
C SER A 102 -2.34 16.60 2.72
N ILE A 103 -2.68 15.45 3.29
CA ILE A 103 -3.79 15.28 4.20
C ILE A 103 -3.17 15.19 5.59
N GLY A 104 -3.70 15.97 6.52
CA GLY A 104 -3.20 15.98 7.89
C GLY A 104 -4.24 15.35 8.82
N ILE A 105 -3.86 14.23 9.43
CA ILE A 105 -4.69 13.59 10.45
C ILE A 105 -4.01 13.74 11.82
N SER A 106 -4.78 14.03 12.86
CA SER A 106 -4.20 14.26 14.19
C SER A 106 -4.91 13.40 15.22
N PHE A 107 -4.13 12.75 16.08
CA PHE A 107 -4.67 11.98 17.20
C PHE A 107 -4.89 12.93 18.38
N MET A 108 -6.08 12.88 18.98
CA MET A 108 -6.42 13.77 20.08
C MET A 108 -5.81 13.26 21.37
N GLY A 109 -4.70 13.90 21.76
CA GLY A 109 -3.99 13.56 23.00
C GLY A 109 -2.50 13.87 22.90
N ASN A 110 -1.75 13.51 23.93
CA ASN A 110 -0.30 13.62 23.95
C ASN A 110 0.31 12.23 24.04
N TYR A 111 1.04 11.84 22.99
CA TYR A 111 1.56 10.47 22.84
C TYR A 111 3.10 10.40 22.99
N MET A 112 3.64 11.25 23.87
CA MET A 112 5.05 11.18 24.27
C MET A 112 5.29 9.99 25.19
N ASN A 113 4.35 9.79 26.12
CA ASN A 113 4.46 8.78 27.19
C ASN A 113 3.28 7.79 27.19
N ARG A 114 2.51 7.77 26.11
CA ARG A 114 1.27 7.01 26.00
C ARG A 114 1.14 6.50 24.57
N VAL A 115 0.62 5.30 24.40
CA VAL A 115 0.30 4.82 23.06
C VAL A 115 -1.20 5.04 22.83
N PRO A 116 -1.62 5.35 21.59
CA PRO A 116 -3.06 5.30 21.36
C PRO A 116 -3.56 3.85 21.43
N PRO A 117 -4.80 3.65 21.91
CA PRO A 117 -5.34 2.30 21.96
C PRO A 117 -5.56 1.74 20.55
N PRO A 118 -5.48 0.40 20.39
CA PRO A 118 -5.62 -0.23 19.08
C PRO A 118 -6.77 0.30 18.21
N ARG A 119 -7.92 0.59 18.80
CA ARG A 119 -9.09 1.07 18.04
C ARG A 119 -8.91 2.44 17.38
N ALA A 120 -8.09 3.28 18.00
CA ALA A 120 -7.66 4.55 17.38
C ALA A 120 -6.81 4.31 16.16
N LEU A 121 -5.88 3.35 16.25
CA LEU A 121 -4.97 3.06 15.17
C LEU A 121 -5.75 2.43 14.03
N ARG A 122 -6.69 1.54 14.35
CA ARG A 122 -7.55 0.95 13.34
C ARG A 122 -8.37 2.01 12.60
N ALA A 123 -8.97 2.92 13.35
CA ALA A 123 -9.76 4.01 12.76
C ALA A 123 -8.95 4.80 11.73
N ALA A 124 -7.73 5.16 12.13
CA ALA A 124 -6.80 5.89 11.28
C ALA A 124 -6.41 5.11 10.02
N GLN A 125 -5.99 3.86 10.16
CA GLN A 125 -5.58 3.07 9.01
C GLN A 125 -6.75 2.82 8.06
N ASN A 126 -7.92 2.58 8.62
CA ASN A 126 -9.14 2.39 7.84
C ASN A 126 -9.51 3.68 7.09
N LEU A 127 -9.41 4.81 7.79
CA LEU A 127 -9.66 6.11 7.14
C LEU A 127 -8.81 6.28 5.89
N LEU A 128 -7.56 5.89 5.97
CA LEU A 128 -6.64 6.01 4.83
C LEU A 128 -7.01 5.07 3.67
N ALA A 129 -7.42 3.85 3.99
CA ALA A 129 -7.91 2.95 2.95
C ALA A 129 -9.14 3.54 2.24
N CYS A 130 -10.03 4.16 3.01
CA CYS A 130 -11.18 4.87 2.47
C CYS A 130 -10.74 6.00 1.54
N GLY A 131 -9.71 6.75 1.94
CA GLY A 131 -9.13 7.80 1.11
C GLY A 131 -8.69 7.33 -0.27
N VAL A 132 -8.00 6.19 -0.30
CA VAL A 132 -7.53 5.61 -1.55
C VAL A 132 -8.74 5.21 -2.42
N ALA A 133 -9.67 4.50 -1.79
CA ALA A 133 -10.88 4.04 -2.47
C ALA A 133 -11.72 5.18 -3.08
N LEU A 134 -11.74 6.34 -2.45
CA LEU A 134 -12.46 7.50 -3.00
C LEU A 134 -11.72 8.24 -4.10
N GLY A 135 -10.41 8.01 -4.23
CA GLY A 135 -9.56 8.76 -5.16
C GLY A 135 -8.97 10.04 -4.57
N ALA A 136 -9.16 10.23 -3.26
CA ALA A 136 -8.61 11.37 -2.53
C ALA A 136 -7.10 11.23 -2.33
N LEU A 137 -6.67 10.02 -2.00
CA LEU A 137 -5.26 9.67 -1.90
C LEU A 137 -4.85 8.80 -3.07
N ARG A 138 -3.55 8.86 -3.40
CA ARG A 138 -2.96 7.96 -4.37
C ARG A 138 -2.80 6.58 -3.73
N SER A 139 -3.03 5.53 -4.51
CA SER A 139 -2.82 4.14 -4.03
C SER A 139 -1.43 3.88 -3.43
N ASN A 140 -0.42 4.55 -3.97
CA ASN A 140 0.96 4.55 -3.41
C ASN A 140 1.27 5.79 -2.53
N TYR A 141 0.31 6.23 -1.73
CA TYR A 141 0.54 7.35 -0.80
C TYR A 141 1.65 7.06 0.19
N GLU A 142 2.16 8.15 0.78
CA GLU A 142 3.24 8.06 1.76
C GLU A 142 2.85 8.75 3.06
N VAL A 143 3.17 8.12 4.17
CA VAL A 143 2.88 8.65 5.50
C VAL A 143 4.14 9.22 6.12
N LYS A 144 4.06 10.48 6.56
CA LYS A 144 5.16 11.15 7.25
C LYS A 144 4.73 11.42 8.68
N GLY A 145 5.69 11.42 9.59
CA GLY A 145 5.47 12.00 10.92
C GLY A 145 5.50 13.53 10.80
N HIS A 146 4.78 14.21 11.67
CA HIS A 146 4.85 15.65 11.74
C HIS A 146 6.30 16.10 11.97
N ARG A 147 7.00 15.44 12.88
CA ARG A 147 8.43 15.74 13.15
C ARG A 147 9.35 15.52 11.96
N ASP A 148 8.94 14.69 11.00
CA ASP A 148 9.73 14.48 9.78
C ASP A 148 9.68 15.66 8.80
N VAL A 149 8.77 16.61 8.99
CA VAL A 149 8.61 17.74 8.09
C VAL A 149 8.61 19.11 8.75
N GLN A 150 8.56 19.13 10.08
CA GLN A 150 8.60 20.37 10.83
C GLN A 150 9.36 20.11 12.11
N PRO A 151 9.93 21.16 12.71
CA PRO A 151 10.61 20.96 13.97
C PRO A 151 9.57 20.86 15.11
N THR A 152 9.35 19.64 15.56
CA THR A 152 8.37 19.39 16.61
C THR A 152 8.53 18.00 17.19
N LEU A 153 8.02 17.84 18.41
CA LEU A 153 7.90 16.53 19.05
C LEU A 153 6.76 15.71 18.47
N SER A 154 5.72 16.38 17.96
CA SER A 154 4.57 15.72 17.34
C SER A 154 4.98 14.71 16.25
N PRO A 155 4.37 13.51 16.18
CA PRO A 155 3.16 13.09 16.88
C PRO A 155 3.33 12.38 18.25
N GLY A 156 4.48 12.55 18.91
CA GLY A 156 4.76 11.91 20.19
C GLY A 156 5.67 10.72 19.93
N ASP A 157 6.59 10.47 20.85
CA ASP A 157 7.58 9.41 20.70
C ASP A 157 6.98 8.04 20.46
N ARG A 158 5.93 7.74 21.23
CA ARG A 158 5.29 6.43 21.21
C ARG A 158 4.53 6.20 19.92
N LEU A 159 3.74 7.20 19.56
CA LEU A 159 2.99 7.16 18.33
C LEU A 159 3.91 7.25 17.10
N TYR A 160 4.99 8.03 17.18
CA TYR A 160 5.97 8.10 16.10
C TYR A 160 6.59 6.71 15.83
N GLU A 161 6.98 6.05 16.91
CA GLU A 161 7.53 4.70 16.82
C GLU A 161 6.58 3.74 16.12
N ILE A 162 5.28 3.87 16.41
CA ILE A 162 4.24 3.03 15.80
C ILE A 162 4.05 3.30 14.32
N ILE A 163 3.91 4.57 13.93
CA ILE A 163 3.66 4.89 12.51
C ILE A 163 4.81 4.49 11.61
N GLN A 164 6.02 4.42 12.17
CA GLN A 164 7.18 3.91 11.45
C GLN A 164 7.04 2.46 10.98
N THR A 165 6.26 1.66 11.70
CA THR A 165 5.98 0.29 11.29
C THR A 165 4.91 0.16 10.18
N TRP A 166 4.20 1.25 9.84
CA TRP A 166 3.11 1.18 8.83
C TRP A 166 3.65 0.97 7.43
N SER A 167 2.87 0.32 6.59
CA SER A 167 3.32 -0.12 5.26
C SER A 167 3.69 1.05 4.36
N HIS A 168 2.95 2.13 4.50
CA HIS A 168 3.09 3.30 3.64
C HIS A 168 3.98 4.39 4.26
N TYR A 169 4.64 4.10 5.39
CA TYR A 169 5.54 5.08 5.99
C TYR A 169 6.83 5.24 5.18
N ARG A 170 7.27 6.47 5.01
CA ARG A 170 8.51 6.79 4.28
C ARG A 170 9.22 7.91 5.06
N ALA A 171 10.50 7.70 5.37
CA ALA A 171 11.24 8.58 6.29
C ALA A 171 11.58 9.97 5.74
N GLU B 1 -2.35 -13.43 14.03
CA GLU B 1 -3.54 -12.56 13.73
C GLU B 1 -3.99 -12.64 12.26
N ASP B 2 -3.67 -11.63 11.47
CA ASP B 2 -3.92 -11.61 10.00
C ASP B 2 -4.80 -10.61 9.31
N PRO B 3 -6.03 -10.34 9.81
CA PRO B 3 -6.92 -9.32 9.21
C PRO B 3 -6.49 -7.85 9.48
N PRO B 4 -6.08 -7.09 8.44
CA PRO B 4 -5.71 -5.69 8.64
C PRO B 4 -6.94 -4.74 8.58
N ALA B 5 -7.79 -4.92 9.58
CA ALA B 5 -9.05 -4.16 9.80
C ALA B 5 -10.30 -4.30 8.88
N CYS B 6 -10.26 -3.70 7.70
CA CYS B 6 -11.48 -3.27 6.96
C CYS B 6 -12.19 -2.15 7.69
N GLY B 7 -13.53 -2.13 7.75
CA GLY B 7 -14.25 -1.12 8.49
C GLY B 7 -14.20 -1.11 10.01
N SER B 8 -12.98 -1.17 10.57
CA SER B 8 -12.71 -0.93 11.98
C SER B 8 -13.59 -1.75 12.90
N ILE B 9 -13.28 -3.02 13.01
CA ILE B 9 -14.00 -3.98 13.85
C ILE B 9 -13.18 -4.22 15.10
N VAL B 10 -13.83 -4.23 16.27
CA VAL B 10 -13.17 -4.62 17.52
C VAL B 10 -13.03 -6.14 17.48
N PRO B 11 -11.80 -6.68 17.53
CA PRO B 11 -11.66 -8.15 17.41
C PRO B 11 -12.01 -8.91 18.70
N ARG B 12 -12.28 -10.20 18.56
CA ARG B 12 -12.70 -11.04 19.67
C ARG B 12 -11.83 -10.82 20.92
N ARG B 13 -10.52 -10.95 20.73
CA ARG B 13 -9.57 -10.80 21.85
C ARG B 13 -9.72 -9.44 22.54
N GLU B 14 -9.90 -8.36 21.79
CA GLU B 14 -10.02 -7.04 22.40
C GLU B 14 -11.24 -6.94 23.35
N TRP B 15 -12.38 -7.54 23.01
CA TRP B 15 -13.54 -7.56 23.95
C TRP B 15 -13.50 -8.74 24.96
N ARG B 16 -12.43 -9.53 24.90
CA ARG B 16 -12.07 -10.54 25.93
C ARG B 16 -13.03 -11.72 25.84
N ALA B 17 -13.27 -12.17 24.62
CA ALA B 17 -14.24 -13.19 24.35
C ALA B 17 -13.65 -14.55 24.64
N LEU B 18 -14.53 -15.48 24.99
CA LEU B 18 -14.16 -16.88 25.10
C LEU B 18 -13.91 -17.41 23.69
N ALA B 19 -13.05 -18.42 23.57
CA ALA B 19 -12.75 -19.03 22.26
C ALA B 19 -13.98 -19.73 21.68
N SER B 20 -14.21 -19.52 20.40
CA SER B 20 -15.31 -20.16 19.68
C SER B 20 -15.04 -21.64 19.49
N GLU B 21 -16.08 -22.45 19.62
CA GLU B 21 -16.02 -23.87 19.27
C GLU B 21 -16.77 -24.16 17.95
N CYS B 22 -17.28 -23.13 17.27
CA CYS B 22 -18.16 -23.32 16.09
C CYS B 22 -17.39 -23.76 14.88
N ARG B 23 -17.96 -24.67 14.10
CA ARG B 23 -17.28 -25.21 12.92
C ARG B 23 -18.02 -25.06 11.59
N GLU B 24 -19.35 -24.96 11.60
CA GLU B 24 -20.12 -24.84 10.35
C GLU B 24 -19.90 -23.49 9.64
N ARG B 25 -19.68 -23.57 8.32
CA ARG B 25 -19.32 -22.40 7.53
C ARG B 25 -20.48 -21.97 6.64
N LEU B 26 -20.52 -20.68 6.30
CA LEU B 26 -21.45 -20.18 5.31
C LEU B 26 -20.82 -20.28 3.95
N THR B 27 -21.66 -20.44 2.93
CA THR B 27 -21.16 -20.41 1.55
C THR B 27 -21.25 -18.95 1.09
N ARG B 28 -20.09 -18.34 0.88
CA ARG B 28 -20.01 -17.00 0.33
C ARG B 28 -20.13 -17.08 -1.19
N PRO B 29 -20.70 -16.07 -1.87
CA PRO B 29 -21.26 -14.86 -1.25
C PRO B 29 -22.67 -15.06 -0.69
N VAL B 30 -22.92 -14.51 0.49
CA VAL B 30 -24.20 -14.62 1.22
C VAL B 30 -25.22 -13.59 0.68
N ARG B 31 -26.50 -13.97 0.64
CA ARG B 31 -27.56 -13.14 0.06
C ARG B 31 -28.34 -12.27 1.07
N TYR B 32 -28.41 -12.73 2.31
CA TYR B 32 -29.29 -12.11 3.32
C TYR B 32 -28.58 -11.58 4.57
N VAL B 33 -29.08 -10.45 5.07
CA VAL B 33 -28.64 -9.90 6.34
C VAL B 33 -29.87 -9.73 7.22
N VAL B 34 -29.85 -10.31 8.42
CA VAL B 34 -30.95 -10.17 9.37
C VAL B 34 -30.52 -9.25 10.51
N VAL B 35 -31.30 -8.19 10.74
CA VAL B 35 -31.01 -7.19 11.80
C VAL B 35 -31.84 -7.49 13.02
N SER B 36 -31.19 -7.62 14.17
CA SER B 36 -31.86 -7.89 15.45
C SER B 36 -31.42 -6.93 16.50
N HIS B 37 -32.03 -7.00 17.67
CA HIS B 37 -31.47 -6.36 18.86
C HIS B 37 -31.29 -7.41 19.94
N THR B 38 -30.40 -7.12 20.88
CA THR B 38 -30.09 -8.05 21.95
C THR B 38 -31.19 -8.07 23.01
N ALA B 39 -31.89 -6.95 23.12
CA ALA B 39 -32.98 -6.74 24.11
C ALA B 39 -32.43 -6.64 25.53
N GLY B 40 -31.11 -6.48 25.65
CA GLY B 40 -30.42 -6.35 26.93
C GLY B 40 -30.12 -4.89 27.16
N SER B 41 -29.22 -4.63 28.08
CA SER B 41 -28.71 -3.31 28.38
C SER B 41 -28.04 -2.66 27.18
N HIS B 42 -28.16 -1.34 27.03
CA HIS B 42 -27.32 -0.60 26.08
C HIS B 42 -26.10 0.00 26.79
N CYS B 43 -25.08 0.29 25.99
CA CYS B 43 -23.80 0.85 26.43
C CYS B 43 -23.45 1.98 25.46
N ASP B 44 -22.66 2.96 25.90
CA ASP B 44 -22.22 4.02 24.96
C ASP B 44 -20.74 4.40 25.09
N THR B 45 -19.92 3.48 25.62
CA THR B 45 -18.48 3.67 25.68
C THR B 45 -17.81 2.37 25.28
N PRO B 46 -16.58 2.44 24.75
CA PRO B 46 -15.91 1.20 24.38
C PRO B 46 -15.72 0.24 25.54
N ALA B 47 -15.52 0.79 26.74
CA ALA B 47 -15.30 -0.01 27.93
C ALA B 47 -16.58 -0.76 28.36
N SER B 48 -17.71 -0.04 28.37
CA SER B 48 -19.00 -0.66 28.71
C SER B 48 -19.50 -1.60 27.60
N CYS B 49 -19.27 -1.25 26.33
CA CYS B 49 -19.70 -2.07 25.17
C CYS B 49 -18.91 -3.37 25.02
N ALA B 50 -17.63 -3.32 25.34
CA ALA B 50 -16.84 -4.54 25.42
C ALA B 50 -17.37 -5.48 26.49
N GLN B 51 -17.74 -4.93 27.64
CA GLN B 51 -18.37 -5.68 28.72
C GLN B 51 -19.70 -6.28 28.27
N GLN B 52 -20.49 -5.49 27.55
CA GLN B 52 -21.77 -5.98 27.09
C GLN B 52 -21.65 -7.15 26.14
N ALA B 53 -20.68 -7.10 25.23
CA ALA B 53 -20.43 -8.23 24.33
C ALA B 53 -20.08 -9.50 25.09
N GLN B 54 -19.26 -9.36 26.15
CA GLN B 54 -18.92 -10.48 27.04
C GLN B 54 -20.15 -11.10 27.63
N ASN B 55 -21.03 -10.25 28.18
CA ASN B 55 -22.27 -10.68 28.84
C ASN B 55 -23.19 -11.44 27.90
N VAL B 56 -23.34 -10.92 26.68
CA VAL B 56 -24.17 -11.57 25.69
C VAL B 56 -23.59 -12.94 25.31
N GLN B 57 -22.27 -13.00 25.05
CA GLN B 57 -21.62 -14.26 24.79
C GLN B 57 -21.75 -15.22 25.98
N SER B 58 -21.51 -14.71 27.18
CA SER B 58 -21.60 -15.51 28.40
C SER B 58 -22.96 -16.21 28.51
N TYR B 59 -24.03 -15.45 28.26
CA TYR B 59 -25.37 -16.00 28.26
C TYR B 59 -25.51 -17.16 27.24
N HIS B 60 -25.09 -16.94 26.00
CA HIS B 60 -25.25 -17.95 24.94
C HIS B 60 -24.38 -19.18 25.15
N VAL B 61 -23.20 -19.01 25.74
CA VAL B 61 -22.24 -20.11 25.88
C VAL B 61 -22.48 -20.88 27.17
N ARG B 62 -22.50 -20.17 28.30
CA ARG B 62 -22.63 -20.82 29.60
C ARG B 62 -24.03 -21.37 29.88
N ASN B 63 -25.07 -20.59 29.56
CA ASN B 63 -26.42 -21.00 29.86
C ASN B 63 -27.03 -21.81 28.72
N LEU B 64 -27.09 -21.23 27.53
CA LEU B 64 -27.70 -21.92 26.36
C LEU B 64 -26.85 -23.03 25.75
N GLY B 65 -25.60 -23.13 26.18
CA GLY B 65 -24.72 -24.19 25.72
C GLY B 65 -24.27 -24.10 24.28
N TRP B 66 -24.25 -22.91 23.71
CA TRP B 66 -23.82 -22.73 22.30
C TRP B 66 -22.32 -22.64 22.16
N CYS B 67 -21.86 -22.88 20.92
CA CYS B 67 -20.43 -22.89 20.61
C CYS B 67 -19.76 -21.50 20.65
N ASP B 68 -20.58 -20.45 20.54
CA ASP B 68 -20.13 -19.08 20.58
C ASP B 68 -21.36 -18.19 20.62
N VAL B 69 -21.16 -16.91 20.92
CA VAL B 69 -22.18 -15.91 20.73
C VAL B 69 -22.85 -16.12 19.36
N GLY B 70 -24.17 -15.91 19.32
CA GLY B 70 -24.96 -16.37 18.20
C GLY B 70 -24.86 -15.48 16.97
N TYR B 71 -24.63 -14.19 17.19
CA TYR B 71 -24.59 -13.19 16.13
C TYR B 71 -23.23 -13.19 15.41
N ASN B 72 -23.24 -12.89 14.11
CA ASN B 72 -21.98 -12.75 13.36
C ASN B 72 -21.23 -11.48 13.76
N PHE B 73 -21.96 -10.40 14.03
CA PHE B 73 -21.42 -9.12 14.51
C PHE B 73 -22.42 -8.42 15.46
N LEU B 74 -21.89 -7.65 16.43
CA LEU B 74 -22.72 -6.82 17.31
C LEU B 74 -22.38 -5.33 17.11
N ILE B 75 -23.36 -4.44 17.30
CA ILE B 75 -23.18 -2.99 17.08
C ILE B 75 -23.46 -2.27 18.38
N GLY B 76 -22.54 -1.40 18.80
CA GLY B 76 -22.67 -0.64 20.05
C GLY B 76 -23.13 0.78 19.80
N GLU B 77 -23.72 1.39 20.83
CA GLU B 77 -24.02 2.82 20.77
C GLU B 77 -22.76 3.69 20.97
N ASP B 78 -21.65 3.05 21.35
CA ASP B 78 -20.32 3.65 21.23
C ASP B 78 -19.86 3.91 19.78
N GLY B 79 -20.55 3.36 18.78
CA GLY B 79 -20.24 3.57 17.37
C GLY B 79 -19.30 2.55 16.74
N LEU B 80 -19.04 1.46 17.46
CA LEU B 80 -18.08 0.43 17.08
C LEU B 80 -18.78 -0.90 16.81
N VAL B 81 -18.17 -1.69 15.93
CA VAL B 81 -18.63 -3.03 15.60
C VAL B 81 -17.81 -4.05 16.37
N TYR B 82 -18.49 -5.02 17.00
CA TYR B 82 -17.86 -6.08 17.79
C TYR B 82 -17.94 -7.37 17.01
N GLU B 83 -16.80 -8.03 16.86
CA GLU B 83 -16.70 -9.26 16.08
C GLU B 83 -17.37 -10.41 16.84
N GLY B 84 -18.39 -10.99 16.21
CA GLY B 84 -19.02 -12.20 16.71
C GLY B 84 -18.40 -13.40 16.04
N ARG B 85 -19.22 -14.18 15.34
CA ARG B 85 -18.76 -15.32 14.58
C ARG B 85 -18.12 -14.93 13.23
N GLY B 86 -18.33 -13.68 12.82
CA GLY B 86 -17.65 -13.12 11.65
C GLY B 86 -18.34 -13.51 10.34
N TRP B 87 -17.60 -13.33 9.25
CA TRP B 87 -18.18 -13.47 7.92
C TRP B 87 -18.32 -14.89 7.44
N ASN B 88 -17.53 -15.82 7.98
CA ASN B 88 -17.45 -17.16 7.40
C ASN B 88 -18.15 -18.28 8.19
N ILE B 89 -18.52 -18.04 9.45
CA ILE B 89 -19.12 -19.06 10.32
C ILE B 89 -20.62 -18.86 10.48
N LYS B 90 -21.39 -19.94 10.39
CA LYS B 90 -22.84 -19.89 10.51
C LYS B 90 -23.24 -19.43 11.90
N GLY B 91 -24.21 -18.52 11.97
CA GLY B 91 -24.69 -18.02 13.25
C GLY B 91 -25.87 -18.76 13.82
N ALA B 92 -26.28 -18.34 15.02
CA ALA B 92 -27.47 -18.83 15.69
C ALA B 92 -28.29 -17.63 16.13
N HIS B 93 -29.06 -17.07 15.20
CA HIS B 93 -29.75 -15.81 15.45
C HIS B 93 -31.16 -15.64 14.86
N ALA B 94 -31.48 -16.35 13.78
CA ALA B 94 -32.79 -16.24 13.12
C ALA B 94 -33.42 -17.59 12.75
N GLY B 95 -33.04 -18.66 13.46
CA GLY B 95 -33.63 -19.98 13.25
C GLY B 95 -33.01 -20.74 12.09
N PRO B 96 -33.31 -22.06 11.96
CA PRO B 96 -32.60 -22.96 11.05
C PRO B 96 -32.88 -22.83 9.53
N THR B 97 -33.93 -22.15 9.16
CA THR B 97 -34.17 -21.77 7.75
C THR B 97 -33.22 -20.63 7.28
N TRP B 98 -33.02 -19.62 8.15
CA TRP B 98 -32.26 -18.40 7.79
C TRP B 98 -30.80 -18.38 8.24
N ASN B 99 -30.50 -18.97 9.41
CA ASN B 99 -29.13 -19.06 9.91
C ASN B 99 -28.09 -19.50 8.85
N PRO B 100 -28.39 -20.53 8.03
CA PRO B 100 -27.41 -20.99 7.01
C PRO B 100 -27.24 -20.13 5.75
N ILE B 101 -28.10 -19.13 5.55
CA ILE B 101 -28.07 -18.32 4.34
C ILE B 101 -28.00 -16.82 4.64
N SER B 102 -27.59 -16.46 5.87
CA SER B 102 -27.61 -15.06 6.28
C SER B 102 -26.49 -14.69 7.23
N ILE B 103 -26.22 -13.38 7.28
CA ILE B 103 -25.37 -12.76 8.25
C ILE B 103 -26.31 -12.08 9.23
N GLY B 104 -26.08 -12.32 10.52
CA GLY B 104 -26.90 -11.72 11.56
C GLY B 104 -26.11 -10.70 12.33
N ILE B 105 -26.57 -9.45 12.25
CA ILE B 105 -25.99 -8.35 13.02
C ILE B 105 -27.01 -7.90 14.09
N SER B 106 -26.54 -7.60 15.28
CA SER B 106 -27.44 -7.26 16.38
C SER B 106 -26.99 -5.98 17.05
N PHE B 107 -27.92 -5.07 17.29
CA PHE B 107 -27.65 -3.83 18.02
C PHE B 107 -27.78 -4.11 19.53
N MET B 108 -26.80 -3.70 20.31
CA MET B 108 -26.78 -3.96 21.73
C MET B 108 -27.69 -2.98 22.46
N GLY B 109 -28.88 -3.45 22.80
CA GLY B 109 -29.88 -2.66 23.52
C GLY B 109 -31.29 -3.10 23.20
N ASN B 110 -32.26 -2.36 23.74
CA ASN B 110 -33.68 -2.54 23.42
C ASN B 110 -34.19 -1.29 22.71
N TYR B 111 -34.60 -1.46 21.45
CA TYR B 111 -35.00 -0.34 20.57
C TYR B 111 -36.51 -0.28 20.29
N MET B 112 -37.30 -0.67 21.29
CA MET B 112 -38.77 -0.53 21.24
C MET B 112 -39.16 0.94 21.42
N ASN B 113 -38.51 1.58 22.39
CA ASN B 113 -38.81 2.96 22.82
C ASN B 113 -37.64 3.93 22.67
N ARG B 114 -36.62 3.51 21.93
CA ARG B 114 -35.33 4.22 21.84
C ARG B 114 -34.80 4.02 20.42
N VAL B 115 -34.15 5.04 19.87
CA VAL B 115 -33.52 4.89 18.57
C VAL B 115 -32.02 4.67 18.81
N PRO B 116 -31.35 3.85 17.96
CA PRO B 116 -29.89 3.88 18.08
C PRO B 116 -29.34 5.23 17.59
N PRO B 117 -28.25 5.69 18.20
CA PRO B 117 -27.65 6.95 17.75
C PRO B 117 -27.09 6.84 16.33
N PRO B 118 -27.06 7.95 15.57
CA PRO B 118 -26.56 7.90 14.18
C PRO B 118 -25.26 7.13 13.97
N ARG B 119 -24.30 7.24 14.90
CA ARG B 119 -23.02 6.53 14.77
C ARG B 119 -23.11 5.00 14.78
N ALA B 120 -24.10 4.47 15.49
CA ALA B 120 -24.43 3.05 15.45
C ALA B 120 -24.94 2.64 14.06
N LEU B 121 -25.79 3.47 13.48
CA LEU B 121 -26.37 3.18 12.19
C LEU B 121 -25.30 3.27 11.12
N ARG B 122 -24.42 4.26 11.24
CA ARG B 122 -23.28 4.39 10.32
C ARG B 122 -22.37 3.15 10.39
N ALA B 123 -22.04 2.73 11.61
CA ALA B 123 -21.21 1.54 11.81
C ALA B 123 -21.78 0.32 11.10
N ALA B 124 -23.08 0.13 11.27
CA ALA B 124 -23.80 -0.97 10.62
C ALA B 124 -23.79 -0.90 9.10
N GLN B 125 -24.14 0.25 8.55
CA GLN B 125 -24.18 0.40 7.08
C GLN B 125 -22.78 0.25 6.47
N ASN B 126 -21.77 0.79 7.17
CA ASN B 126 -20.38 0.66 6.75
C ASN B 126 -19.93 -0.80 6.81
N LEU B 127 -20.29 -1.49 7.90
CA LEU B 127 -19.97 -2.91 8.02
C LEU B 127 -20.47 -3.70 6.82
N LEU B 128 -21.67 -3.40 6.37
CA LEU B 128 -22.26 -4.07 5.22
C LEU B 128 -21.53 -3.78 3.91
N ALA B 129 -21.12 -2.53 3.72
CA ALA B 129 -20.31 -2.19 2.56
C ALA B 129 -18.99 -2.98 2.55
N CYS B 130 -18.38 -3.10 3.73
CA CYS B 130 -17.18 -3.91 3.92
C CYS B 130 -17.45 -5.39 3.53
N GLY B 131 -18.60 -5.90 3.93
CA GLY B 131 -19.00 -7.25 3.56
C GLY B 131 -19.05 -7.52 2.08
N VAL B 132 -19.62 -6.58 1.34
CA VAL B 132 -19.71 -6.67 -0.11
C VAL B 132 -18.31 -6.65 -0.71
N ALA B 133 -17.52 -5.67 -0.27
CA ALA B 133 -16.15 -5.51 -0.73
C ALA B 133 -15.26 -6.74 -0.51
N LEU B 134 -15.49 -7.49 0.56
CA LEU B 134 -14.72 -8.71 0.82
C LEU B 134 -15.19 -9.92 0.03
N GLY B 135 -16.40 -9.85 -0.53
CA GLY B 135 -17.03 -11.00 -1.19
C GLY B 135 -17.84 -11.88 -0.26
N ALA B 136 -18.01 -11.44 0.99
CA ALA B 136 -18.81 -12.16 2.00
C ALA B 136 -20.30 -12.04 1.69
N LEU B 137 -20.72 -10.82 1.31
CA LEU B 137 -22.09 -10.57 0.87
C LEU B 137 -22.14 -10.37 -0.63
N ARG B 138 -23.30 -10.65 -1.20
CA ARG B 138 -23.60 -10.33 -2.60
C ARG B 138 -23.82 -8.83 -2.72
N SER B 139 -23.33 -8.22 -3.80
CA SER B 139 -23.54 -6.79 -4.06
C SER B 139 -25.03 -6.37 -4.02
N ASN B 140 -25.92 -7.27 -4.45
CA ASN B 140 -27.37 -7.10 -4.35
C ASN B 140 -28.01 -7.83 -3.13
N TYR B 141 -27.32 -7.79 -1.99
CA TYR B 141 -27.85 -8.38 -0.75
C TYR B 141 -29.17 -7.75 -0.33
N GLU B 142 -29.89 -8.46 0.53
CA GLU B 142 -31.20 -8.03 1.03
C GLU B 142 -31.22 -8.02 2.55
N VAL B 143 -31.78 -6.97 3.12
CA VAL B 143 -31.85 -6.80 4.56
C VAL B 143 -33.26 -7.11 5.07
N LYS B 144 -33.34 -8.00 6.06
CA LYS B 144 -34.60 -8.37 6.71
C LYS B 144 -34.55 -7.91 8.14
N GLY B 145 -35.70 -7.56 8.70
CA GLY B 145 -35.85 -7.43 10.14
C GLY B 145 -35.94 -8.83 10.75
N HIS B 146 -35.49 -8.98 11.99
CA HIS B 146 -35.64 -10.24 12.69
C HIS B 146 -37.13 -10.64 12.76
N ARG B 147 -38.00 -9.68 13.05
CA ARG B 147 -39.45 -9.93 13.07
C ARG B 147 -40.03 -10.35 11.73
N ASP B 148 -39.36 -10.03 10.64
CA ASP B 148 -39.80 -10.47 9.30
C ASP B 148 -39.56 -11.96 9.02
N VAL B 149 -38.78 -12.63 9.85
CA VAL B 149 -38.43 -14.04 9.65
C VAL B 149 -38.68 -14.95 10.84
N GLN B 150 -38.98 -14.36 11.99
CA GLN B 150 -39.26 -15.11 13.19
C GLN B 150 -40.31 -14.35 13.98
N PRO B 151 -41.06 -15.05 14.84
CA PRO B 151 -42.02 -14.34 15.66
C PRO B 151 -41.30 -13.66 16.84
N THR B 152 -41.13 -12.35 16.72
CA THR B 152 -40.45 -11.56 17.74
C THR B 152 -40.68 -10.07 17.55
N LEU B 153 -40.49 -9.34 18.63
CA LEU B 153 -40.48 -7.87 18.60
C LEU B 153 -39.18 -7.33 17.99
N SER B 154 -38.09 -8.08 18.13
CA SER B 154 -36.79 -7.70 17.57
C SER B 154 -36.85 -7.34 16.07
N PRO B 155 -36.20 -6.25 15.60
CA PRO B 155 -35.17 -5.48 16.31
C PRO B 155 -35.64 -4.24 17.11
N GLY B 156 -36.93 -4.17 17.47
CA GLY B 156 -37.48 -3.02 18.18
C GLY B 156 -38.22 -2.13 17.20
N ASP B 157 -39.34 -1.55 17.64
CA ASP B 157 -40.20 -0.75 16.77
C ASP B 157 -39.47 0.40 16.09
N ARG B 158 -38.63 1.09 16.85
CA ARG B 158 -37.93 2.29 16.39
C ARG B 158 -36.87 1.94 15.36
N LEU B 159 -36.07 0.94 15.70
CA LEU B 159 -35.05 0.45 14.81
C LEU B 159 -35.65 -0.24 13.57
N TYR B 160 -36.75 -0.97 13.76
CA TYR B 160 -37.43 -1.62 12.63
C TYR B 160 -37.90 -0.56 11.61
N GLU B 161 -38.52 0.50 12.12
CA GLU B 161 -38.96 1.59 11.29
C GLU B 161 -37.83 2.20 10.45
N ILE B 162 -36.66 2.32 11.07
CA ILE B 162 -35.47 2.85 10.40
C ILE B 162 -34.93 1.94 9.31
N ILE B 163 -34.75 0.65 9.61
CA ILE B 163 -34.15 -0.26 8.61
C ILE B 163 -35.04 -0.43 7.38
N GLN B 164 -36.35 -0.20 7.54
CA GLN B 164 -37.27 -0.18 6.41
C GLN B 164 -36.96 0.89 5.35
N THR B 165 -36.36 1.99 5.78
CA THR B 165 -35.93 3.04 4.84
C THR B 165 -34.62 2.71 4.09
N TRP B 166 -33.89 1.67 4.48
CA TRP B 166 -32.60 1.35 3.86
C TRP B 166 -32.75 0.83 2.45
N SER B 167 -31.73 1.09 1.64
CA SER B 167 -31.75 0.82 0.21
C SER B 167 -31.91 -0.65 -0.10
N HIS B 168 -31.30 -1.50 0.73
CA HIS B 168 -31.27 -2.93 0.49
C HIS B 168 -32.36 -3.68 1.26
N TYR B 169 -33.28 -2.96 1.94
CA TYR B 169 -34.36 -3.62 2.68
C TYR B 169 -35.40 -4.23 1.75
N ARG B 170 -35.85 -5.45 2.08
CA ARG B 170 -36.88 -6.17 1.32
C ARG B 170 -37.84 -6.81 2.31
N ALA B 171 -39.14 -6.55 2.15
CA ALA B 171 -40.16 -6.97 3.14
C ALA B 171 -40.45 -8.47 3.02
N GLU C 1 34.19 32.06 -1.78
CA GLU C 1 33.17 32.22 -2.89
C GLU C 1 33.82 32.06 -4.28
N ASP C 2 33.64 30.88 -4.89
CA ASP C 2 34.27 30.53 -6.18
C ASP C 2 33.15 30.03 -7.14
N PRO C 3 32.43 30.96 -7.80
CA PRO C 3 31.31 30.59 -8.69
C PRO C 3 31.72 30.05 -10.07
N PRO C 4 31.45 28.75 -10.36
CA PRO C 4 31.59 28.27 -11.76
C PRO C 4 30.26 28.41 -12.48
N ALA C 5 30.25 28.85 -13.76
CA ALA C 5 29.08 28.65 -14.67
C ALA C 5 29.08 27.25 -15.37
N CYS C 6 29.53 26.23 -14.65
CA CYS C 6 29.86 24.91 -15.21
C CYS C 6 28.72 24.24 -15.97
N GLY C 7 27.48 24.56 -15.61
CA GLY C 7 26.34 23.81 -16.12
C GLY C 7 25.87 24.26 -17.50
N SER C 8 26.02 23.39 -18.53
CA SER C 8 25.28 23.53 -19.78
C SER C 8 24.16 22.49 -19.82
N ILE C 9 23.23 22.67 -18.90
CA ILE C 9 22.16 21.75 -18.62
C ILE C 9 20.89 22.35 -19.19
N VAL C 10 20.09 21.53 -19.89
CA VAL C 10 18.76 21.94 -20.34
C VAL C 10 17.86 21.90 -19.10
N PRO C 11 17.25 23.03 -18.70
CA PRO C 11 16.44 22.99 -17.47
C PRO C 11 15.06 22.36 -17.66
N ARG C 12 14.45 21.95 -16.55
CA ARG C 12 13.14 21.26 -16.58
C ARG C 12 12.13 21.95 -17.50
N ARG C 13 11.97 23.27 -17.28
CA ARG C 13 11.06 24.10 -18.06
C ARG C 13 11.31 23.96 -19.57
N GLU C 14 12.58 24.02 -19.98
CA GLU C 14 12.92 23.97 -21.39
C GLU C 14 12.48 22.67 -22.05
N TRP C 15 12.60 21.52 -21.38
CA TRP C 15 12.09 20.24 -21.95
C TRP C 15 10.61 19.96 -21.64
N ARG C 16 9.95 20.93 -20.96
CA ARG C 16 8.49 21.00 -20.79
C ARG C 16 8.03 19.90 -19.84
N ALA C 17 8.76 19.79 -18.73
CA ALA C 17 8.56 18.73 -17.78
C ALA C 17 7.37 19.06 -16.88
N LEU C 18 6.70 18.02 -16.41
CA LEU C 18 5.66 18.15 -15.42
C LEU C 18 6.34 18.51 -14.11
N ALA C 19 5.62 19.20 -13.24
CA ALA C 19 6.16 19.65 -11.94
C ALA C 19 6.46 18.46 -11.04
N SER C 20 7.62 18.50 -10.40
CA SER C 20 8.03 17.48 -9.44
C SER C 20 7.19 17.57 -8.16
N GLU C 21 6.82 16.43 -7.60
CA GLU C 21 6.24 16.36 -6.27
C GLU C 21 7.24 15.81 -5.23
N CYS C 22 8.47 15.56 -5.63
CA CYS C 22 9.47 14.89 -4.74
C CYS C 22 9.99 15.91 -3.72
N ARG C 23 10.23 15.45 -2.50
CA ARG C 23 10.67 16.31 -1.41
C ARG C 23 11.95 15.90 -0.71
N GLU C 24 12.30 14.62 -0.71
CA GLU C 24 13.49 14.13 0.02
C GLU C 24 14.79 14.57 -0.61
N ARG C 25 15.72 15.00 0.23
CA ARG C 25 16.96 15.62 -0.21
C ARG C 25 18.15 14.70 -0.01
N LEU C 26 19.19 14.87 -0.84
CA LEU C 26 20.47 14.20 -0.63
C LEU C 26 21.33 15.07 0.25
N THR C 27 22.21 14.44 1.00
CA THR C 27 23.23 15.17 1.77
C THR C 27 24.44 15.33 0.85
N ARG C 28 24.72 16.58 0.46
CA ARG C 28 25.95 16.90 -0.24
C ARG C 28 27.11 17.00 0.77
N PRO C 29 28.35 16.66 0.40
CA PRO C 29 28.72 16.15 -0.92
C PRO C 29 28.43 14.65 -1.08
N VAL C 30 27.90 14.27 -2.24
CA VAL C 30 27.53 12.89 -2.57
C VAL C 30 28.76 12.09 -3.03
N ARG C 31 28.82 10.80 -2.66
CA ARG C 31 29.99 9.94 -2.92
C ARG C 31 29.86 9.07 -4.19
N TYR C 32 28.64 8.74 -4.59
CA TYR C 32 28.40 7.76 -5.66
C TYR C 32 27.61 8.28 -6.86
N VAL C 33 27.99 7.81 -8.04
CA VAL C 33 27.23 8.07 -9.26
C VAL C 33 26.89 6.73 -9.89
N VAL C 34 25.61 6.47 -10.15
CA VAL C 34 25.19 5.24 -10.82
C VAL C 34 24.76 5.52 -12.23
N VAL C 35 25.38 4.84 -13.21
CA VAL C 35 25.11 5.07 -14.64
C VAL C 35 24.15 4.02 -15.16
N SER C 36 23.07 4.46 -15.77
CA SER C 36 22.06 3.57 -16.36
C SER C 36 21.75 3.94 -17.80
N HIS C 37 20.94 3.15 -18.47
CA HIS C 37 20.31 3.58 -19.71
C HIS C 37 18.81 3.44 -19.58
N THR C 38 18.08 4.18 -20.40
CA THR C 38 16.62 4.18 -20.35
C THR C 38 16.05 2.91 -21.00
N ALA C 39 16.81 2.35 -21.92
CA ALA C 39 16.43 1.15 -22.72
C ALA C 39 15.32 1.45 -23.72
N GLY C 40 15.02 2.74 -23.91
CA GLY C 40 13.98 3.19 -24.82
C GLY C 40 14.61 3.64 -26.11
N SER C 41 13.86 4.46 -26.86
CA SER C 41 14.38 4.98 -28.14
C SER C 41 15.50 6.00 -27.84
N HIS C 42 16.45 6.09 -28.78
CA HIS C 42 17.43 7.17 -28.75
C HIS C 42 16.97 8.34 -29.65
N CYS C 43 17.53 9.51 -29.36
CA CYS C 43 17.29 10.75 -30.08
C CYS C 43 18.65 11.40 -30.37
N ASP C 44 18.75 12.20 -31.43
CA ASP C 44 20.01 12.91 -31.70
C ASP C 44 19.86 14.39 -32.09
N THR C 45 18.76 15.02 -31.69
CA THR C 45 18.54 16.44 -31.87
C THR C 45 17.92 17.01 -30.61
N PRO C 46 18.14 18.30 -30.35
CA PRO C 46 17.54 18.89 -29.15
C PRO C 46 16.03 18.78 -29.11
N ALA C 47 15.40 18.84 -30.29
CA ALA C 47 13.94 18.76 -30.40
C ALA C 47 13.41 17.37 -30.07
N SER C 48 14.06 16.34 -30.63
CA SER C 48 13.67 14.95 -30.36
C SER C 48 14.06 14.52 -28.93
N CYS C 49 15.21 14.99 -28.43
CA CYS C 49 15.68 14.66 -27.07
C CYS C 49 14.87 15.31 -25.96
N ALA C 50 14.39 16.52 -26.20
CA ALA C 50 13.44 17.15 -25.28
C ALA C 50 12.14 16.33 -25.19
N GLN C 51 11.67 15.85 -26.34
CA GLN C 51 10.51 14.96 -26.39
C GLN C 51 10.79 13.65 -25.66
N GLN C 52 11.98 13.09 -25.84
CA GLN C 52 12.31 11.85 -25.17
C GLN C 52 12.33 11.98 -23.68
N ALA C 53 12.84 13.08 -23.16
CA ALA C 53 12.82 13.33 -21.71
C ALA C 53 11.38 13.38 -21.18
N GLN C 54 10.48 14.01 -21.94
CA GLN C 54 9.06 14.05 -21.61
C GLN C 54 8.49 12.66 -21.49
N ASN C 55 8.77 11.83 -22.50
CA ASN C 55 8.29 10.44 -22.59
C ASN C 55 8.76 9.59 -21.41
N VAL C 56 10.02 9.73 -21.06
CA VAL C 56 10.59 9.00 -19.93
C VAL C 56 9.92 9.44 -18.63
N GLN C 57 9.79 10.75 -18.43
CA GLN C 57 9.08 11.26 -17.25
C GLN C 57 7.62 10.79 -17.25
N SER C 58 6.95 10.90 -18.40
CA SER C 58 5.56 10.48 -18.55
C SER C 58 5.37 9.03 -18.08
N TYR C 59 6.26 8.14 -18.51
CA TYR C 59 6.22 6.74 -18.08
C TYR C 59 6.33 6.62 -16.55
N HIS C 60 7.32 7.28 -15.93
CA HIS C 60 7.53 7.18 -14.47
C HIS C 60 6.40 7.82 -13.66
N VAL C 61 5.81 8.89 -14.16
CA VAL C 61 4.79 9.64 -13.42
C VAL C 61 3.40 9.09 -13.64
N ARG C 62 3.00 8.95 -14.90
CA ARG C 62 1.65 8.50 -15.23
C ARG C 62 1.42 7.02 -15.01
N ASN C 63 2.37 6.16 -15.40
CA ASN C 63 2.19 4.73 -15.24
C ASN C 63 2.66 4.25 -13.88
N LEU C 64 3.92 4.50 -13.56
CA LEU C 64 4.52 4.01 -12.30
C LEU C 64 4.09 4.80 -11.05
N GLY C 65 3.42 5.93 -11.26
CA GLY C 65 2.93 6.74 -10.16
C GLY C 65 3.97 7.44 -9.32
N TRP C 66 5.14 7.72 -9.87
CA TRP C 66 6.21 8.39 -9.12
C TRP C 66 6.07 9.91 -9.10
N CYS C 67 6.78 10.53 -8.15
CA CYS C 67 6.74 11.96 -7.94
C CYS C 67 7.39 12.79 -9.04
N ASP C 68 8.28 12.17 -9.78
CA ASP C 68 9.01 12.80 -10.89
C ASP C 68 9.80 11.70 -11.58
N VAL C 69 10.30 12.01 -12.76
CA VAL C 69 11.29 11.16 -13.43
C VAL C 69 12.35 10.73 -12.40
N GLY C 70 12.80 9.48 -12.51
CA GLY C 70 13.54 8.84 -11.43
C GLY C 70 14.99 9.26 -11.36
N TYR C 71 15.54 9.60 -12.50
CA TYR C 71 16.95 9.95 -12.66
C TYR C 71 17.22 11.41 -12.25
N ASN C 72 18.39 11.68 -11.68
CA ASN C 72 18.81 13.05 -11.35
C ASN C 72 19.12 13.88 -12.60
N PHE C 73 19.72 13.22 -13.61
CA PHE C 73 20.01 13.82 -14.93
C PHE C 73 19.87 12.78 -16.06
N LEU C 74 19.50 13.21 -17.26
CA LEU C 74 19.50 12.35 -18.45
C LEU C 74 20.47 12.88 -19.49
N ILE C 75 21.05 11.99 -20.32
CA ILE C 75 22.06 12.36 -21.33
C ILE C 75 21.55 11.98 -22.69
N GLY C 76 21.57 12.93 -23.63
CA GLY C 76 21.10 12.69 -24.99
C GLY C 76 22.26 12.44 -25.96
N GLU C 77 21.94 11.77 -27.07
CA GLU C 77 22.90 11.66 -28.16
C GLU C 77 23.01 12.96 -28.97
N ASP C 78 22.11 13.91 -28.71
CA ASP C 78 22.30 15.31 -29.13
C ASP C 78 23.48 16.02 -28.47
N GLY C 79 24.06 15.43 -27.42
CA GLY C 79 25.22 16.02 -26.72
C GLY C 79 24.90 16.92 -25.53
N LEU C 80 23.63 16.92 -25.11
CA LEU C 80 23.13 17.76 -24.03
C LEU C 80 22.66 16.96 -22.84
N VAL C 81 22.73 17.60 -21.67
CA VAL C 81 22.27 17.04 -20.41
C VAL C 81 20.89 17.62 -20.11
N TYR C 82 19.96 16.75 -19.71
CA TYR C 82 18.58 17.14 -19.37
C TYR C 82 18.43 17.03 -17.87
N GLU C 83 17.94 18.09 -17.24
CA GLU C 83 17.77 18.15 -15.79
C GLU C 83 16.62 17.26 -15.36
N GLY C 84 16.94 16.27 -14.52
CA GLY C 84 15.95 15.42 -13.88
C GLY C 84 15.61 16.01 -12.53
N ARG C 85 15.85 15.24 -11.48
CA ARG C 85 15.65 15.70 -10.10
C ARG C 85 16.79 16.58 -9.61
N GLY C 86 17.91 16.61 -10.34
CA GLY C 86 19.02 17.53 -10.09
C GLY C 86 19.93 17.06 -8.99
N TRP C 87 20.73 17.98 -8.48
CA TRP C 87 21.79 17.65 -7.53
C TRP C 87 21.30 17.44 -6.11
N ASN C 88 20.15 18.00 -5.76
CA ASN C 88 19.74 18.07 -4.36
C ASN C 88 18.62 17.12 -3.92
N ILE C 89 17.87 16.55 -4.86
CA ILE C 89 16.71 15.68 -4.56
C ILE C 89 17.03 14.21 -4.81
N LYS C 90 16.64 13.35 -3.88
CA LYS C 90 16.88 11.91 -3.99
C LYS C 90 16.15 11.32 -5.18
N GLY C 91 16.85 10.47 -5.93
CA GLY C 91 16.26 9.82 -7.08
C GLY C 91 15.61 8.48 -6.81
N ALA C 92 15.02 7.92 -7.86
CA ALA C 92 14.45 6.59 -7.86
C ALA C 92 15.02 5.83 -9.06
N HIS C 93 16.23 5.32 -8.91
CA HIS C 93 16.94 4.75 -10.07
C HIS C 93 17.79 3.49 -9.80
N ALA C 94 18.28 3.29 -8.57
CA ALA C 94 19.11 2.14 -8.22
C ALA C 94 18.72 1.45 -6.91
N GLY C 95 17.45 1.60 -6.49
CA GLY C 95 16.96 0.91 -5.29
C GLY C 95 17.29 1.63 -4.00
N PRO C 96 16.70 1.16 -2.87
CA PRO C 96 16.69 1.93 -1.61
C PRO C 96 18.00 1.98 -0.80
N THR C 97 18.95 1.09 -1.10
CA THR C 97 20.30 1.17 -0.55
C THR C 97 21.13 2.30 -1.19
N TRP C 98 21.02 2.44 -2.51
CA TRP C 98 21.85 3.40 -3.31
C TRP C 98 21.21 4.74 -3.64
N ASN C 99 19.90 4.76 -3.88
CA ASN C 99 19.17 5.99 -4.14
C ASN C 99 19.52 7.15 -3.18
N PRO C 100 19.58 6.90 -1.86
CA PRO C 100 19.91 7.99 -0.89
C PRO C 100 21.36 8.46 -0.80
N ILE C 101 22.28 7.76 -1.45
CA ILE C 101 23.71 8.10 -1.37
C ILE C 101 24.34 8.30 -2.75
N SER C 102 23.51 8.50 -3.78
CA SER C 102 24.01 8.58 -5.14
C SER C 102 23.27 9.57 -6.03
N ILE C 103 23.97 9.94 -7.10
CA ILE C 103 23.40 10.65 -8.21
C ILE C 103 23.25 9.62 -9.31
N GLY C 104 22.07 9.58 -9.91
CA GLY C 104 21.78 8.67 -11.00
C GLY C 104 21.65 9.40 -12.29
N ILE C 105 22.55 9.11 -13.23
CA ILE C 105 22.49 9.65 -14.58
C ILE C 105 22.14 8.54 -15.57
N SER C 106 21.29 8.83 -16.55
CA SER C 106 20.85 7.81 -17.49
C SER C 106 21.03 8.30 -18.92
N PHE C 107 21.59 7.46 -19.77
CA PHE C 107 21.73 7.74 -21.20
C PHE C 107 20.44 7.33 -21.92
N MET C 108 19.87 8.22 -22.72
CA MET C 108 18.61 7.97 -23.40
C MET C 108 18.86 7.09 -24.63
N GLY C 109 18.56 5.81 -24.48
CA GLY C 109 18.70 4.83 -25.55
C GLY C 109 18.98 3.44 -25.00
N ASN C 110 19.22 2.49 -25.90
CA ASN C 110 19.61 1.14 -25.55
C ASN C 110 21.01 0.86 -26.06
N TYR C 111 21.94 0.63 -25.12
CA TYR C 111 23.37 0.51 -25.42
C TYR C 111 23.91 -0.91 -25.26
N MET C 112 23.05 -1.89 -25.55
CA MET C 112 23.45 -3.31 -25.63
C MET C 112 24.28 -3.55 -26.91
N ASN C 113 23.82 -2.95 -28.01
CA ASN C 113 24.39 -3.16 -29.34
C ASN C 113 24.90 -1.88 -30.02
N ARG C 114 25.04 -0.83 -29.23
CA ARG C 114 25.33 0.53 -29.71
C ARG C 114 26.22 1.21 -28.66
N VAL C 115 27.16 2.01 -29.11
CA VAL C 115 27.92 2.86 -28.18
C VAL C 115 27.26 4.26 -28.24
N PRO C 116 27.23 5.00 -27.11
CA PRO C 116 26.86 6.40 -27.27
C PRO C 116 27.90 7.18 -28.06
N PRO C 117 27.45 8.16 -28.85
CA PRO C 117 28.39 8.98 -29.60
C PRO C 117 29.30 9.79 -28.67
N PRO C 118 30.54 10.11 -29.12
CA PRO C 118 31.50 10.78 -28.21
C PRO C 118 30.95 11.99 -27.45
N ARG C 119 30.10 12.80 -28.09
CA ARG C 119 29.52 14.00 -27.47
C ARG C 119 28.60 13.72 -26.28
N ALA C 120 27.95 12.57 -26.29
CA ALA C 120 27.19 12.07 -25.12
C ALA C 120 28.12 11.74 -23.96
N LEU C 121 29.23 11.11 -24.25
CA LEU C 121 30.19 10.72 -23.22
C LEU C 121 30.85 11.96 -22.65
N ARG C 122 31.17 12.92 -23.52
CA ARG C 122 31.72 14.20 -23.07
C ARG C 122 30.74 14.93 -22.15
N ALA C 123 29.48 15.00 -22.56
CA ALA C 123 28.44 15.66 -21.76
C ALA C 123 28.36 15.09 -20.37
N ALA C 124 28.37 13.74 -20.29
CA ALA C 124 28.33 13.04 -19.02
C ALA C 124 29.55 13.32 -18.15
N GLN C 125 30.74 13.17 -18.70
CA GLN C 125 31.98 13.38 -17.92
C GLN C 125 32.09 14.84 -17.46
N ASN C 126 31.70 15.77 -18.32
CA ASN C 126 31.69 17.19 -17.99
C ASN C 126 30.66 17.47 -16.90
N LEU C 127 29.47 16.89 -17.01
CA LEU C 127 28.43 17.03 -15.95
C LEU C 127 29.00 16.68 -14.59
N LEU C 128 29.77 15.60 -14.53
CA LEU C 128 30.36 15.14 -13.29
C LEU C 128 31.43 16.10 -12.75
N ALA C 129 32.25 16.64 -13.64
CA ALA C 129 33.22 17.67 -13.24
C ALA C 129 32.52 18.89 -12.66
N CYS C 130 31.42 19.29 -13.27
CA CYS C 130 30.57 20.37 -12.77
C CYS C 130 30.06 20.04 -11.36
N GLY C 131 29.61 18.80 -11.15
CA GLY C 131 29.16 18.35 -9.85
C GLY C 131 30.21 18.52 -8.75
N VAL C 132 31.45 18.14 -9.05
CA VAL C 132 32.55 18.27 -8.11
C VAL C 132 32.80 19.73 -7.80
N ALA C 133 32.88 20.54 -8.85
CA ALA C 133 33.12 21.97 -8.73
C ALA C 133 32.07 22.70 -7.90
N LEU C 134 30.81 22.25 -7.93
CA LEU C 134 29.76 22.87 -7.12
C LEU C 134 29.76 22.40 -5.66
N GLY C 135 30.44 21.29 -5.36
CA GLY C 135 30.34 20.63 -4.06
C GLY C 135 29.18 19.64 -3.92
N ALA C 136 28.51 19.35 -5.03
CA ALA C 136 27.44 18.35 -5.06
C ALA C 136 27.99 16.91 -4.96
N LEU C 137 29.09 16.66 -5.67
CA LEU C 137 29.85 15.42 -5.58
C LEU C 137 31.15 15.64 -4.82
N ARG C 138 31.64 14.57 -4.22
CA ARG C 138 32.97 14.55 -3.61
C ARG C 138 34.00 14.46 -4.73
N SER C 139 35.11 15.18 -4.59
CA SER C 139 36.23 15.12 -5.56
C SER C 139 36.72 13.70 -5.86
N ASN C 140 36.67 12.82 -4.85
CA ASN C 140 36.96 11.38 -5.00
C ASN C 140 35.69 10.50 -5.15
N TYR C 141 34.70 10.98 -5.91
CA TYR C 141 33.50 10.21 -6.19
C TYR C 141 33.81 8.90 -6.91
N GLU C 142 32.85 7.97 -6.83
CA GLU C 142 32.97 6.65 -7.44
C GLU C 142 31.80 6.35 -8.36
N VAL C 143 32.09 5.80 -9.53
CA VAL C 143 31.09 5.51 -10.55
C VAL C 143 30.79 4.00 -10.54
N LYS C 144 29.50 3.67 -10.45
CA LYS C 144 29.03 2.29 -10.52
C LYS C 144 28.20 2.14 -11.77
N GLY C 145 28.21 0.95 -12.35
CA GLY C 145 27.21 0.58 -13.35
C GLY C 145 25.91 0.24 -12.64
N HIS C 146 24.79 0.47 -13.30
CA HIS C 146 23.50 0.07 -12.74
C HIS C 146 23.50 -1.43 -12.43
N ARG C 147 24.02 -2.23 -13.35
CA ARG C 147 24.11 -3.69 -13.16
C ARG C 147 25.00 -4.09 -11.98
N ASP C 148 25.93 -3.22 -11.56
CA ASP C 148 26.77 -3.49 -10.39
C ASP C 148 26.05 -3.39 -9.05
N VAL C 149 24.85 -2.81 -9.04
CA VAL C 149 24.09 -2.60 -7.80
C VAL C 149 22.68 -3.13 -7.83
N GLN C 150 22.18 -3.53 -9.00
CA GLN C 150 20.86 -4.08 -9.15
C GLN C 150 20.88 -5.12 -10.24
N PRO C 151 19.90 -6.03 -10.22
CA PRO C 151 19.86 -7.04 -11.27
C PRO C 151 19.27 -6.45 -12.55
N THR C 152 20.15 -6.15 -13.50
CA THR C 152 19.71 -5.54 -14.75
C THR C 152 20.80 -5.60 -15.81
N LEU C 153 20.36 -5.49 -17.06
CA LEU C 153 21.28 -5.32 -18.19
C LEU C 153 21.85 -3.91 -18.25
N SER C 154 21.09 -2.93 -17.77
CA SER C 154 21.52 -1.53 -17.73
C SER C 154 22.91 -1.34 -17.09
N PRO C 155 23.80 -0.51 -17.66
CA PRO C 155 23.54 0.47 -18.72
C PRO C 155 23.77 0.02 -20.18
N GLY C 156 23.79 -1.29 -20.44
CA GLY C 156 24.04 -1.83 -21.79
C GLY C 156 25.45 -2.33 -21.85
N ASP C 157 25.68 -3.42 -22.56
CA ASP C 157 27.00 -4.06 -22.65
C ASP C 157 28.07 -3.13 -23.12
N ARG C 158 27.76 -2.35 -24.14
CA ARG C 158 28.74 -1.48 -24.80
C ARG C 158 29.10 -0.33 -23.92
N LEU C 159 28.08 0.32 -23.38
CA LEU C 159 28.27 1.42 -22.45
C LEU C 159 28.90 0.95 -21.13
N TYR C 160 28.53 -0.23 -20.65
CA TYR C 160 29.13 -0.79 -19.44
C TYR C 160 30.64 -0.98 -19.63
N GLU C 161 31.00 -1.56 -20.76
CA GLU C 161 32.41 -1.77 -21.11
C GLU C 161 33.19 -0.45 -21.09
N ILE C 162 32.58 0.62 -21.60
CA ILE C 162 33.18 1.94 -21.62
C ILE C 162 33.38 2.54 -20.23
N ILE C 163 32.33 2.54 -19.40
CA ILE C 163 32.43 3.19 -18.08
C ILE C 163 33.44 2.50 -17.17
N GLN C 164 33.69 1.21 -17.42
CA GLN C 164 34.75 0.48 -16.71
C GLN C 164 36.15 1.05 -16.90
N THR C 165 36.39 1.68 -18.06
CA THR C 165 37.67 2.33 -18.31
C THR C 165 37.81 3.70 -17.62
N TRP C 166 36.73 4.27 -17.05
CA TRP C 166 36.78 5.61 -16.45
C TRP C 166 37.60 5.65 -15.18
N SER C 167 38.20 6.80 -14.93
CA SER C 167 39.12 6.99 -13.80
C SER C 167 38.44 6.78 -12.47
N HIS C 168 37.18 7.18 -12.38
CA HIS C 168 36.46 7.14 -11.11
C HIS C 168 35.61 5.86 -10.96
N TYR C 169 35.70 4.91 -11.90
CA TYR C 169 34.96 3.66 -11.81
C TYR C 169 35.52 2.76 -10.73
N ARG C 170 34.62 2.14 -9.96
CA ARG C 170 34.97 1.22 -8.88
C ARG C 170 34.02 0.03 -8.95
N ALA C 171 34.57 -1.18 -9.00
CA ALA C 171 33.76 -2.40 -9.29
C ALA C 171 32.92 -2.83 -8.05
N GLU D 1 -5.91 -30.71 2.22
CA GLU D 1 -4.61 -30.93 1.54
C GLU D 1 -4.18 -32.42 1.59
N ASP D 2 -4.27 -33.12 0.46
CA ASP D 2 -3.60 -34.40 0.26
C ASP D 2 -2.10 -34.14 0.33
N PRO D 3 -1.49 -34.35 1.50
CA PRO D 3 -0.09 -33.96 1.81
C PRO D 3 0.46 -32.74 1.07
N PRO D 4 1.45 -32.85 0.14
CA PRO D 4 1.82 -31.65 -0.63
C PRO D 4 0.61 -30.84 -1.16
N ALA D 5 -0.34 -31.52 -1.81
CA ALA D 5 -1.52 -30.98 -2.45
C ALA D 5 -1.38 -30.19 -3.74
N CYS D 6 -0.17 -30.13 -4.32
CA CYS D 6 0.14 -29.40 -5.55
C CYS D 6 1.64 -29.24 -5.80
N GLY D 7 1.96 -28.79 -6.99
CA GLY D 7 3.29 -28.27 -7.31
C GLY D 7 4.41 -29.25 -7.51
N SER D 8 5.03 -29.20 -8.69
CA SER D 8 6.28 -29.93 -9.00
C SER D 8 7.48 -28.99 -9.02
N ILE D 9 7.99 -28.68 -7.83
CA ILE D 9 8.99 -27.65 -7.66
C ILE D 9 10.33 -28.32 -7.42
N VAL D 10 11.38 -27.85 -8.12
CA VAL D 10 12.75 -28.29 -7.88
C VAL D 10 13.20 -27.59 -6.61
N PRO D 11 13.56 -28.32 -5.55
CA PRO D 11 13.95 -27.62 -4.31
C PRO D 11 15.35 -27.04 -4.34
N ARG D 12 15.61 -26.10 -3.44
CA ARG D 12 16.91 -25.39 -3.38
C ARG D 12 18.10 -26.34 -3.49
N ARG D 13 18.10 -27.36 -2.63
CA ARG D 13 19.14 -28.38 -2.58
C ARG D 13 19.37 -29.01 -3.95
N GLU D 14 18.30 -29.39 -4.64
CA GLU D 14 18.42 -30.04 -5.94
C GLU D 14 19.14 -29.18 -6.99
N TRP D 15 18.90 -27.87 -7.03
CA TRP D 15 19.67 -26.97 -7.95
C TRP D 15 20.99 -26.45 -7.34
N ARG D 16 21.32 -26.91 -6.13
CA ARG D 16 22.65 -26.76 -5.50
C ARG D 16 22.86 -25.32 -5.10
N ALA D 17 21.83 -24.75 -4.47
CA ALA D 17 21.82 -23.35 -4.13
C ALA D 17 22.62 -23.11 -2.87
N LEU D 18 23.18 -21.92 -2.75
CA LEU D 18 23.80 -21.48 -1.51
C LEU D 18 22.70 -21.27 -0.49
N ALA D 19 23.05 -21.42 0.79
CA ALA D 19 22.08 -21.22 1.88
C ALA D 19 21.62 -19.78 1.97
N SER D 20 20.30 -19.58 2.13
CA SER D 20 19.73 -18.24 2.26
C SER D 20 20.11 -17.64 3.60
N GLU D 21 20.41 -16.34 3.62
CA GLU D 21 20.54 -15.59 4.86
C GLU D 21 19.32 -14.69 5.14
N CYS D 22 18.29 -14.75 4.29
CA CYS D 22 17.14 -13.83 4.38
C CYS D 22 16.24 -14.23 5.54
N ARG D 23 15.70 -13.23 6.22
CA ARG D 23 14.85 -13.48 7.40
C ARG D 23 13.45 -12.86 7.32
N GLU D 24 13.27 -11.78 6.55
CA GLU D 24 11.98 -11.08 6.50
C GLU D 24 10.89 -11.87 5.81
N ARG D 25 9.71 -11.89 6.41
CA ARG D 25 8.60 -12.75 5.97
C ARG D 25 7.50 -11.95 5.30
N LEU D 26 6.75 -12.60 4.40
CA LEU D 26 5.54 -12.01 3.84
C LEU D 26 4.38 -12.39 4.71
N THR D 27 3.36 -11.53 4.73
CA THR D 27 2.10 -11.85 5.40
C THR D 27 1.21 -12.56 4.38
N ARG D 28 0.96 -13.84 4.62
CA ARG D 28 -0.01 -14.57 3.80
C ARG D 28 -1.44 -14.28 4.30
N PRO D 29 -2.47 -14.28 3.45
CA PRO D 29 -2.36 -14.52 2.01
C PRO D 29 -1.91 -13.27 1.24
N VAL D 30 -1.03 -13.46 0.27
CA VAL D 30 -0.45 -12.39 -0.56
C VAL D 30 -1.41 -12.01 -1.70
N ARG D 31 -1.45 -10.73 -2.04
CA ARG D 31 -2.39 -10.21 -3.06
C ARG D 31 -1.81 -10.08 -4.47
N TYR D 32 -0.50 -9.89 -4.57
CA TYR D 32 0.14 -9.55 -5.86
C TYR D 32 1.22 -10.53 -6.32
N VAL D 33 1.26 -10.77 -7.63
CA VAL D 33 2.32 -11.54 -8.27
C VAL D 33 2.93 -10.67 -9.36
N VAL D 34 4.25 -10.47 -9.30
CA VAL D 34 4.97 -9.70 -10.33
C VAL D 34 5.76 -10.67 -11.22
N VAL D 35 5.52 -10.61 -12.52
CA VAL D 35 6.19 -11.50 -13.49
C VAL D 35 7.34 -10.75 -14.15
N SER D 36 8.53 -11.34 -14.10
CA SER D 36 9.74 -10.74 -14.69
C SER D 36 10.43 -11.76 -15.58
N HIS D 37 11.48 -11.31 -16.28
CA HIS D 37 12.43 -12.23 -16.87
C HIS D 37 13.83 -11.90 -16.37
N THR D 38 14.70 -12.88 -16.45
CA THR D 38 16.08 -12.73 -15.95
C THR D 38 16.92 -11.89 -16.92
N ALA D 39 16.53 -11.92 -18.19
CA ALA D 39 17.22 -11.22 -19.29
C ALA D 39 18.57 -11.85 -19.63
N GLY D 40 18.82 -13.04 -19.07
CA GLY D 40 20.05 -13.76 -19.28
C GLY D 40 19.83 -14.84 -20.33
N SER D 41 20.72 -15.83 -20.34
CA SER D 41 20.57 -16.96 -21.26
C SER D 41 19.35 -17.81 -20.81
N HIS D 42 18.73 -18.45 -21.80
CA HIS D 42 17.72 -19.46 -21.55
C HIS D 42 18.34 -20.88 -21.54
N CYS D 43 17.63 -21.80 -20.91
CA CYS D 43 18.00 -23.21 -20.80
C CYS D 43 16.76 -24.05 -21.15
N ASP D 44 16.95 -25.28 -21.63
CA ASP D 44 15.80 -26.15 -21.90
C ASP D 44 15.98 -27.62 -21.45
N THR D 45 16.86 -27.84 -20.47
CA THR D 45 17.04 -29.14 -19.86
C THR D 45 17.17 -28.95 -18.36
N PRO D 46 16.81 -29.98 -17.57
CA PRO D 46 16.94 -29.84 -16.13
C PRO D 46 18.36 -29.56 -15.67
N ALA D 47 19.33 -30.10 -16.40
CA ALA D 47 20.75 -29.95 -16.07
C ALA D 47 21.22 -28.53 -16.33
N SER D 48 20.87 -27.98 -17.49
CA SER D 48 21.22 -26.59 -17.82
C SER D 48 20.44 -25.57 -17.01
N CYS D 49 19.15 -25.85 -16.71
CA CYS D 49 18.29 -24.95 -15.92
C CYS D 49 18.67 -24.88 -14.45
N ALA D 50 19.12 -26.00 -13.90
CA ALA D 50 19.70 -26.00 -12.56
C ALA D 50 20.94 -25.13 -12.48
N GLN D 51 21.79 -25.22 -13.51
CA GLN D 51 22.98 -24.37 -13.63
C GLN D 51 22.57 -22.90 -13.75
N GLN D 52 21.54 -22.62 -14.55
CA GLN D 52 21.11 -21.24 -14.71
C GLN D 52 20.65 -20.62 -13.40
N ALA D 53 19.92 -21.39 -12.59
CA ALA D 53 19.48 -20.89 -11.29
C ALA D 53 20.66 -20.56 -10.38
N GLN D 54 21.69 -21.40 -10.42
CA GLN D 54 22.93 -21.16 -9.68
C GLN D 54 23.55 -19.84 -10.07
N ASN D 55 23.67 -19.62 -11.39
CA ASN D 55 24.29 -18.41 -11.96
C ASN D 55 23.54 -17.15 -11.54
N VAL D 56 22.22 -17.20 -11.61
CA VAL D 56 21.39 -16.08 -11.21
C VAL D 56 21.57 -15.78 -9.72
N GLN D 57 21.53 -16.81 -8.89
CA GLN D 57 21.78 -16.64 -7.46
C GLN D 57 23.19 -16.11 -7.21
N SER D 58 24.17 -16.69 -7.89
CA SER D 58 25.58 -16.28 -7.74
C SER D 58 25.72 -14.77 -7.98
N TYR D 59 25.12 -14.29 -9.05
CA TYR D 59 25.13 -12.85 -9.36
C TYR D 59 24.54 -12.02 -8.19
N HIS D 60 23.35 -12.39 -7.70
CA HIS D 60 22.69 -11.63 -6.64
C HIS D 60 23.41 -11.68 -5.29
N VAL D 61 24.06 -12.81 -5.00
CA VAL D 61 24.69 -13.02 -3.69
C VAL D 61 26.12 -12.51 -3.68
N ARG D 62 26.92 -12.96 -4.65
CA ARG D 62 28.35 -12.60 -4.69
C ARG D 62 28.60 -11.16 -5.15
N ASN D 63 27.90 -10.70 -6.18
CA ASN D 63 28.14 -9.35 -6.69
C ASN D 63 27.29 -8.32 -5.99
N LEU D 64 25.97 -8.50 -6.02
CA LEU D 64 25.04 -7.52 -5.42
C LEU D 64 24.98 -7.57 -3.90
N GLY D 65 25.59 -8.60 -3.29
CA GLY D 65 25.64 -8.72 -1.85
C GLY D 65 24.32 -9.04 -1.16
N TRP D 66 23.37 -9.65 -1.86
CA TRP D 66 22.07 -9.98 -1.27
C TRP D 66 22.10 -11.29 -0.49
N CYS D 67 21.08 -11.43 0.38
CA CYS D 67 20.93 -12.59 1.25
C CYS D 67 20.59 -13.90 0.53
N ASP D 68 20.03 -13.78 -0.68
CA ASP D 68 19.64 -14.91 -1.50
C ASP D 68 19.23 -14.36 -2.85
N VAL D 69 19.10 -15.25 -3.83
CA VAL D 69 18.46 -14.93 -5.10
C VAL D 69 17.18 -14.14 -4.82
N GLY D 70 16.92 -13.15 -5.65
CA GLY D 70 15.93 -12.13 -5.34
C GLY D 70 14.50 -12.59 -5.58
N TYR D 71 14.33 -13.48 -6.55
CA TYR D 71 13.01 -13.96 -6.93
C TYR D 71 12.49 -15.06 -5.97
N ASN D 72 11.17 -15.10 -5.76
CA ASN D 72 10.56 -16.15 -4.95
C ASN D 72 10.58 -17.50 -5.65
N PHE D 73 10.41 -17.50 -6.98
CA PHE D 73 10.48 -18.69 -7.85
C PHE D 73 11.05 -18.32 -9.23
N LEU D 74 11.74 -19.26 -9.89
CA LEU D 74 12.17 -19.11 -11.28
C LEU D 74 11.52 -20.19 -12.17
N ILE D 75 11.30 -19.88 -13.44
CA ILE D 75 10.64 -20.80 -14.38
C ILE D 75 11.60 -21.10 -15.52
N GLY D 76 11.81 -22.39 -15.82
CA GLY D 76 12.69 -22.82 -16.89
C GLY D 76 11.95 -23.19 -18.15
N GLU D 77 12.61 -23.12 -19.29
CA GLU D 77 12.03 -23.64 -20.54
C GLU D 77 12.10 -25.17 -20.60
N ASP D 78 12.81 -25.78 -19.63
CA ASP D 78 12.67 -27.21 -19.35
C ASP D 78 11.29 -27.62 -18.81
N GLY D 79 10.45 -26.66 -18.43
CA GLY D 79 9.09 -26.95 -17.94
C GLY D 79 8.94 -27.11 -16.43
N LEU D 80 10.00 -26.78 -15.69
CA LEU D 80 10.08 -26.94 -14.25
C LEU D 80 10.19 -25.61 -13.53
N VAL D 81 9.71 -25.58 -12.30
CA VAL D 81 9.80 -24.43 -11.42
C VAL D 81 10.97 -24.64 -10.45
N TYR D 82 11.77 -23.60 -10.27
CA TYR D 82 12.93 -23.63 -9.38
C TYR D 82 12.61 -22.79 -8.17
N GLU D 83 12.81 -23.37 -6.98
CA GLU D 83 12.48 -22.71 -5.73
C GLU D 83 13.49 -21.61 -5.44
N GLY D 84 12.99 -20.38 -5.33
CA GLY D 84 13.82 -19.24 -4.94
C GLY D 84 13.67 -19.05 -3.44
N ARG D 85 13.20 -17.87 -3.04
CA ARG D 85 12.90 -17.57 -1.65
C ARG D 85 11.59 -18.20 -1.16
N GLY D 86 10.76 -18.66 -2.09
CA GLY D 86 9.56 -19.41 -1.79
C GLY D 86 8.39 -18.54 -1.43
N TRP D 87 7.38 -19.15 -0.79
CA TRP D 87 6.11 -18.47 -0.54
C TRP D 87 6.15 -17.53 0.67
N ASN D 88 7.08 -17.73 1.58
CA ASN D 88 7.04 -17.11 2.89
C ASN D 88 8.04 -16.00 3.14
N ILE D 89 9.10 -15.90 2.33
CA ILE D 89 10.19 -14.92 2.53
C ILE D 89 10.09 -13.78 1.52
N LYS D 90 10.26 -12.55 2.00
CA LYS D 90 10.20 -11.37 1.15
C LYS D 90 11.30 -11.37 0.12
N GLY D 91 10.93 -11.04 -1.12
CA GLY D 91 11.89 -11.04 -2.22
C GLY D 91 12.55 -9.69 -2.45
N ALA D 92 13.48 -9.70 -3.40
CA ALA D 92 14.14 -8.49 -3.88
C ALA D 92 14.06 -8.48 -5.39
N HIS D 93 12.92 -8.05 -5.92
CA HIS D 93 12.66 -8.15 -7.36
C HIS D 93 11.89 -7.01 -8.02
N ALA D 94 11.08 -6.27 -7.27
CA ALA D 94 10.27 -5.16 -7.83
C ALA D 94 10.28 -3.89 -6.96
N GLY D 95 11.32 -3.68 -6.17
CA GLY D 95 11.49 -2.48 -5.36
C GLY D 95 10.74 -2.50 -4.05
N PRO D 96 11.00 -1.51 -3.16
CA PRO D 96 10.52 -1.56 -1.75
C PRO D 96 9.03 -1.30 -1.49
N THR D 97 8.32 -0.75 -2.47
CA THR D 97 6.85 -0.67 -2.41
C THR D 97 6.17 -2.03 -2.63
N TRP D 98 6.66 -2.79 -3.61
CA TRP D 98 6.04 -4.07 -4.05
C TRP D 98 6.63 -5.35 -3.44
N ASN D 99 7.94 -5.36 -3.23
CA ASN D 99 8.62 -6.51 -2.62
C ASN D 99 7.89 -7.08 -1.37
N PRO D 100 7.44 -6.20 -0.43
CA PRO D 100 6.72 -6.68 0.78
C PRO D 100 5.29 -7.18 0.64
N ILE D 101 4.68 -6.99 -0.53
CA ILE D 101 3.28 -7.36 -0.74
C ILE D 101 3.08 -8.26 -1.94
N SER D 102 4.16 -8.89 -2.42
CA SER D 102 4.08 -9.65 -3.67
C SER D 102 4.97 -10.88 -3.70
N ILE D 103 4.61 -11.77 -4.60
CA ILE D 103 5.43 -12.91 -4.98
C ILE D 103 6.01 -12.53 -6.34
N GLY D 104 7.33 -12.69 -6.48
CA GLY D 104 8.02 -12.42 -7.73
C GLY D 104 8.46 -13.72 -8.38
N ILE D 105 7.91 -14.02 -9.55
CA ILE D 105 8.31 -15.16 -10.36
C ILE D 105 9.03 -14.68 -11.64
N SER D 106 10.11 -15.33 -12.03
CA SER D 106 10.93 -14.87 -13.15
C SER D 106 11.15 -16.00 -14.13
N PHE D 107 10.95 -15.75 -15.41
CA PHE D 107 11.25 -16.71 -16.47
C PHE D 107 12.74 -16.57 -16.86
N MET D 108 13.45 -17.68 -16.91
CA MET D 108 14.87 -17.66 -17.22
C MET D 108 15.09 -17.54 -18.71
N GLY D 109 15.42 -16.31 -19.12
CA GLY D 109 15.69 -15.99 -20.52
C GLY D 109 15.36 -14.54 -20.83
N ASN D 110 15.47 -14.17 -22.11
CA ASN D 110 15.08 -12.86 -22.60
C ASN D 110 13.93 -13.02 -23.58
N TYR D 111 12.76 -12.47 -23.22
CA TYR D 111 11.52 -12.65 -23.98
C TYR D 111 11.05 -11.38 -24.70
N MET D 112 12.02 -10.59 -25.16
CA MET D 112 11.76 -9.42 -26.03
C MET D 112 11.38 -9.89 -27.43
N ASN D 113 12.12 -10.90 -27.91
CA ASN D 113 12.04 -11.41 -29.27
C ASN D 113 11.63 -12.89 -29.39
N ARG D 114 11.20 -13.46 -28.27
CA ARG D 114 11.01 -14.91 -28.10
C ARG D 114 9.82 -15.11 -27.16
N VAL D 115 9.02 -16.13 -27.41
CA VAL D 115 7.96 -16.50 -26.48
C VAL D 115 8.50 -17.68 -25.64
N PRO D 116 8.11 -17.77 -24.35
CA PRO D 116 8.42 -19.01 -23.66
C PRO D 116 7.62 -20.19 -24.25
N PRO D 117 8.22 -21.38 -24.28
CA PRO D 117 7.49 -22.54 -24.79
C PRO D 117 6.29 -22.88 -23.89
N PRO D 118 5.22 -23.48 -24.47
CA PRO D 118 4.01 -23.76 -23.70
C PRO D 118 4.22 -24.38 -22.32
N ARG D 119 5.18 -25.30 -22.19
CA ARG D 119 5.45 -25.97 -20.89
C ARG D 119 5.96 -25.05 -19.79
N ALA D 120 6.67 -24.00 -20.17
CA ALA D 120 7.05 -22.93 -19.23
C ALA D 120 5.83 -22.16 -18.73
N LEU D 121 4.90 -21.87 -19.64
CA LEU D 121 3.71 -21.13 -19.28
C LEU D 121 2.82 -21.97 -18.41
N ARG D 122 2.71 -23.26 -18.74
CA ARG D 122 1.96 -24.20 -17.90
C ARG D 122 2.53 -24.28 -16.49
N ALA D 123 3.86 -24.41 -16.39
CA ALA D 123 4.54 -24.47 -15.09
C ALA D 123 4.19 -23.27 -14.21
N ALA D 124 4.27 -22.09 -14.83
CA ALA D 124 3.96 -20.84 -14.15
C ALA D 124 2.49 -20.75 -13.70
N GLN D 125 1.55 -21.03 -14.61
CA GLN D 125 0.13 -20.95 -14.25
C GLN D 125 -0.25 -21.97 -13.19
N ASN D 126 0.33 -23.16 -13.29
CA ASN D 126 0.12 -24.20 -12.30
C ASN D 126 0.71 -23.81 -10.94
N LEU D 127 1.91 -23.24 -10.95
CA LEU D 127 2.55 -22.74 -9.72
C LEU D 127 1.59 -21.79 -8.97
N LEU D 128 0.94 -20.90 -9.72
CA LEU D 128 0.03 -19.95 -9.12
C LEU D 128 -1.22 -20.61 -8.54
N ALA D 129 -1.77 -21.58 -9.24
CA ALA D 129 -2.89 -22.35 -8.70
C ALA D 129 -2.51 -23.03 -7.39
N CYS D 130 -1.31 -23.59 -7.34
CA CYS D 130 -0.77 -24.19 -6.13
C CYS D 130 -0.68 -23.15 -5.00
N GLY D 131 -0.24 -21.95 -5.32
CA GLY D 131 -0.18 -20.85 -4.35
C GLY D 131 -1.52 -20.53 -3.69
N VAL D 132 -2.56 -20.49 -4.51
CA VAL D 132 -3.92 -20.22 -4.01
C VAL D 132 -4.36 -21.37 -3.10
N ALA D 133 -4.19 -22.59 -3.59
CA ALA D 133 -4.55 -23.79 -2.85
C ALA D 133 -3.86 -23.91 -1.48
N LEU D 134 -2.64 -23.42 -1.36
CA LEU D 134 -1.93 -23.44 -0.07
C LEU D 134 -2.34 -22.33 0.89
N GLY D 135 -2.99 -21.30 0.37
CA GLY D 135 -3.28 -20.08 1.15
C GLY D 135 -2.15 -19.05 1.13
N ALA D 136 -1.14 -19.27 0.29
CA ALA D 136 -0.04 -18.33 0.10
C ALA D 136 -0.49 -17.10 -0.69
N LEU D 137 -1.29 -17.33 -1.72
CA LEU D 137 -1.93 -16.26 -2.49
C LEU D 137 -3.41 -16.19 -2.16
N ARG D 138 -3.97 -14.99 -2.34
CA ARG D 138 -5.41 -14.80 -2.27
C ARG D 138 -6.07 -15.37 -3.51
N SER D 139 -7.23 -15.99 -3.37
CA SER D 139 -7.98 -16.54 -4.52
C SER D 139 -8.25 -15.51 -5.63
N ASN D 140 -8.43 -14.25 -5.24
CA ASN D 140 -8.55 -13.11 -6.18
C ASN D 140 -7.21 -12.32 -6.34
N TYR D 141 -6.08 -13.03 -6.40
CA TYR D 141 -4.77 -12.38 -6.62
C TYR D 141 -4.73 -11.65 -7.95
N GLU D 142 -3.76 -10.74 -8.06
CA GLU D 142 -3.57 -9.93 -9.25
C GLU D 142 -2.16 -10.07 -9.77
N VAL D 143 -2.04 -10.20 -11.09
CA VAL D 143 -0.75 -10.35 -11.77
C VAL D 143 -0.36 -9.03 -12.41
N LYS D 144 0.86 -8.57 -12.12
CA LYS D 144 1.42 -7.37 -12.72
C LYS D 144 2.62 -7.80 -13.56
N GLY D 145 2.87 -7.03 -14.61
CA GLY D 145 4.17 -7.11 -15.29
C GLY D 145 5.20 -6.37 -14.46
N HIS D 146 6.45 -6.79 -14.54
CA HIS D 146 7.53 -6.07 -13.89
C HIS D 146 7.55 -4.59 -14.37
N ARG D 147 7.40 -4.38 -15.68
CA ARG D 147 7.35 -3.05 -16.26
C ARG D 147 6.17 -2.20 -15.78
N ASP D 148 5.10 -2.83 -15.28
CA ASP D 148 3.96 -2.10 -14.71
C ASP D 148 4.24 -1.48 -13.33
N VAL D 149 5.33 -1.85 -12.68
CA VAL D 149 5.66 -1.34 -11.35
C VAL D 149 7.06 -0.80 -11.21
N GLN D 150 7.91 -0.99 -12.21
CA GLN D 150 9.27 -0.49 -12.20
C GLN D 150 9.65 -0.11 -13.61
N PRO D 151 10.64 0.78 -13.75
CA PRO D 151 11.05 1.16 -15.10
C PRO D 151 11.96 0.09 -15.67
N THR D 152 11.41 -0.72 -16.57
CA THR D 152 12.16 -1.81 -17.18
C THR D 152 11.43 -2.39 -18.37
N LEU D 153 12.20 -3.06 -19.22
CA LEU D 153 11.65 -3.84 -20.33
C LEU D 153 11.04 -5.16 -19.85
N SER D 154 11.56 -5.69 -18.75
CA SER D 154 11.05 -6.94 -18.15
C SER D 154 9.51 -6.92 -17.95
N PRO D 155 8.79 -8.02 -18.28
CA PRO D 155 9.30 -9.36 -18.59
C PRO D 155 9.55 -9.69 -20.07
N GLY D 156 9.71 -8.68 -20.93
CA GLY D 156 9.91 -8.88 -22.36
C GLY D 156 8.61 -8.65 -23.09
N ASP D 157 8.69 -8.06 -24.28
CA ASP D 157 7.51 -7.67 -25.06
C ASP D 157 6.57 -8.83 -25.31
N ARG D 158 7.14 -9.97 -25.68
CA ARG D 158 6.37 -11.15 -26.07
C ARG D 158 5.66 -11.76 -24.89
N LEU D 159 6.42 -11.95 -23.82
CA LEU D 159 5.87 -12.47 -22.58
C LEU D 159 4.91 -11.47 -21.92
N TYR D 160 5.20 -10.18 -22.00
CA TYR D 160 4.29 -9.15 -21.46
C TYR D 160 2.93 -9.23 -22.16
N GLU D 161 2.97 -9.32 -23.49
CA GLU D 161 1.75 -9.45 -24.29
C GLU D 161 0.92 -10.66 -23.87
N ILE D 162 1.59 -11.76 -23.56
CA ILE D 162 0.93 -12.99 -23.11
C ILE D 162 0.27 -12.85 -21.73
N ILE D 163 1.01 -12.33 -20.74
CA ILE D 163 0.46 -12.24 -19.38
C ILE D 163 -0.73 -11.30 -19.29
N GLN D 164 -0.82 -10.35 -20.22
CA GLN D 164 -1.98 -9.47 -20.34
C GLN D 164 -3.29 -10.20 -20.65
N THR D 165 -3.20 -11.34 -21.32
CA THR D 165 -4.38 -12.16 -21.58
C THR D 165 -4.82 -13.01 -20.39
N TRP D 166 -4.01 -13.11 -19.31
CA TRP D 166 -4.33 -13.97 -18.17
C TRP D 166 -5.50 -13.44 -17.38
N SER D 167 -6.22 -14.36 -16.76
CA SER D 167 -7.47 -14.07 -16.05
C SER D 167 -7.26 -13.11 -14.90
N HIS D 168 -6.13 -13.27 -14.23
CA HIS D 168 -5.79 -12.53 -13.04
C HIS D 168 -4.94 -11.28 -13.29
N TYR D 169 -4.70 -10.94 -14.55
CA TYR D 169 -3.90 -9.75 -14.87
C TYR D 169 -4.70 -8.47 -14.60
N ARG D 170 -4.02 -7.48 -14.01
CA ARG D 170 -4.62 -6.19 -13.67
C ARG D 170 -3.60 -5.10 -14.04
N ALA D 171 -4.03 -4.13 -14.84
CA ALA D 171 -3.10 -3.17 -15.48
C ALA D 171 -2.48 -2.14 -14.56
C1 GOL E . 14.68 -8.54 -13.53
O1 GOL E . 15.16 -8.45 -12.17
C2 GOL E . 15.46 -7.69 -14.55
O2 GOL E . 15.75 -6.39 -14.03
C3 GOL E . 16.79 -8.34 -14.92
O3 GOL E . 17.49 -7.62 -15.94
O1 TLA F . 15.49 -6.82 -17.94
O11 TLA F . 14.86 -6.47 -20.04
C1 TLA F . 15.61 -6.28 -19.05
C2 TLA F . 16.73 -5.30 -19.20
O2 TLA F . 17.56 -5.39 -18.02
C3 TLA F . 16.12 -3.91 -19.55
O3 TLA F . 14.88 -3.60 -18.85
C4 TLA F . 17.17 -2.84 -19.36
O4 TLA F . 16.89 -1.79 -18.71
O41 TLA F . 18.30 -3.05 -19.89
#